data_6X0S
#
_entry.id   6X0S
#
_cell.length_a   77.157
_cell.length_b   133.328
_cell.length_c   88.915
_cell.angle_alpha   90
_cell.angle_beta   104.41
_cell.angle_gamma   90
#
_symmetry.space_group_name_H-M   'C 1 2 1'
#
loop_
_entity.id
_entity.type
_entity.pdbx_description
1 polymer 'Coagulation factor XII'
2 non-polymer (2S)-4-(5-chloro-1,3-benzoxazol-2-yl)-1-(N,3-dicyclohexyl-D-alanyl)-N-[(thiophen-2-yl)methyl]piperazine-2-carboxamide
3 non-polymer 'SULFATE ION'
4 water water
#
_entity_poly.entity_id   1
_entity_poly.type   'polypeptide(L)'
_entity_poly.pdbx_seq_one_letter_code
;LSCGQRLRKSLSSMTRVVGGLVALRGAHPYIAALYWGHSFCAGSLIAPCWVLTAAHCLQDRPAPEDLTVVLGQERRNHSC
EPCQTLAVRSYRLHEAFSPVSYQHDLALLRLQEDADGSCALLSPYVQPVCLPSGAARPSETTLCQVAGWGHQFEGAEEYA
SFLQEAQVPFLSLERCSAPDVHGSSILPGMLCAGFLEGGTDACQGDSGGPLVCEDQAAERRLTLQGIISWGSGCGDRNKP
GVYTDVAYYLAWIREHTVS
;
_entity_poly.pdbx_strand_id   A,B,C
#
loop_
_chem_comp.id
_chem_comp.type
_chem_comp.name
_chem_comp.formula
SO4 non-polymer 'SULFATE ION' 'O4 S -2'
UJA non-polymer (2S)-4-(5-chloro-1,3-benzoxazol-2-yl)-1-(N,3-dicyclohexyl-D-alanyl)-N-[(thiophen-2-yl)methyl]piperazine-2-carboxamide 'C32 H42 Cl N5 O3 S'
#
# COMPACT_ATOMS: atom_id res chain seq x y z
N LEU A 1 -16.06 33.35 12.33
CA LEU A 1 -14.72 32.77 12.19
C LEU A 1 -14.52 32.02 10.86
N SER A 2 -13.26 31.98 10.36
CA SER A 2 -12.85 31.27 9.14
C SER A 2 -13.11 29.75 9.27
N CYS A 3 -12.83 29.20 10.45
CA CYS A 3 -13.04 27.79 10.74
C CYS A 3 -13.30 27.64 12.24
N GLY A 4 -13.89 26.51 12.61
CA GLY A 4 -14.12 26.22 14.02
C GLY A 4 -15.26 27.00 14.67
N GLN A 5 -16.06 27.72 13.86
CA GLN A 5 -17.21 28.46 14.34
C GLN A 5 -18.28 27.46 14.81
N ARG A 6 -19.08 27.84 15.80
CA ARG A 6 -20.10 26.98 16.35
C ARG A 6 -21.33 27.82 16.68
N LEU A 7 -22.51 27.35 16.29
CA LEU A 7 -23.77 28.06 16.47
C LEU A 7 -24.38 27.99 17.89
N ARG A 8 -24.28 26.83 18.52
CA ARG A 8 -24.93 26.58 19.82
C ARG A 8 -24.18 25.53 20.59
N VAL A 17 -21.92 6.87 20.57
CA VAL A 17 -21.31 7.57 21.70
C VAL A 17 -22.00 7.12 22.96
N VAL A 18 -21.24 6.59 23.94
CA VAL A 18 -21.80 6.15 25.19
C VAL A 18 -21.67 7.28 26.21
N GLY A 19 -22.74 7.54 26.95
CA GLY A 19 -22.76 8.57 27.97
C GLY A 19 -22.75 9.98 27.42
N GLY A 20 -23.32 10.15 26.23
CA GLY A 20 -23.36 11.48 25.62
C GLY A 20 -24.70 12.15 25.79
N LEU A 21 -24.88 13.27 25.10
CA LEU A 21 -26.12 14.05 25.09
C LEU A 21 -26.38 14.43 23.65
N VAL A 22 -27.61 14.74 23.31
CA VAL A 22 -27.97 15.16 21.97
C VAL A 22 -27.20 16.45 21.56
N ALA A 23 -26.73 16.51 20.33
CA ALA A 23 -26.02 17.68 19.79
C ALA A 23 -26.87 18.16 18.60
N LEU A 24 -27.55 19.28 18.78
CA LEU A 24 -28.46 19.79 17.76
C LEU A 24 -27.76 20.49 16.59
N ARG A 25 -28.49 20.76 15.47
CA ARG A 25 -27.93 21.43 14.29
C ARG A 25 -27.16 22.70 14.66
N GLY A 26 -25.92 22.78 14.20
CA GLY A 26 -25.07 23.92 14.52
C GLY A 26 -24.11 23.68 15.66
N ALA A 27 -24.27 22.58 16.45
CA ALA A 27 -23.36 22.28 17.57
C ALA A 27 -22.01 21.77 17.05
N HIS A 28 -22.03 21.00 15.95
CA HIS A 28 -20.84 20.51 15.28
C HIS A 28 -21.08 20.76 13.79
N PRO A 29 -21.02 22.03 13.32
CA PRO A 29 -21.38 22.32 11.92
C PRO A 29 -20.49 21.71 10.84
N TYR A 30 -19.33 21.18 11.23
CA TYR A 30 -18.36 20.56 10.34
C TYR A 30 -18.62 19.06 10.12
N ILE A 31 -19.51 18.44 10.91
CA ILE A 31 -19.67 16.98 10.86
C ILE A 31 -20.38 16.55 9.56
N ALA A 32 -19.80 15.55 8.93
CA ALA A 32 -20.28 15.01 7.68
C ALA A 32 -20.78 13.59 7.93
N ALA A 33 -21.86 13.21 7.27
CA ALA A 33 -22.39 11.85 7.36
C ALA A 33 -22.13 11.20 5.99
N LEU A 34 -21.49 10.02 5.96
CA LEU A 34 -21.14 9.31 4.73
C LEU A 34 -21.96 8.03 4.54
N TYR A 35 -22.67 7.94 3.43
CA TYR A 35 -23.53 6.79 3.17
C TYR A 35 -23.16 6.05 1.91
N TRP A 36 -23.28 4.73 1.93
CA TRP A 36 -23.09 3.90 0.74
C TRP A 36 -23.63 2.50 1.05
N GLY A 37 -24.46 1.94 0.17
CA GLY A 37 -25.08 0.63 0.39
C GLY A 37 -25.79 0.55 1.72
N HIS A 38 -25.47 -0.46 2.55
CA HIS A 38 -26.01 -0.52 3.91
C HIS A 38 -24.95 -0.03 4.94
N SER A 39 -23.92 0.71 4.49
CA SER A 39 -22.84 1.18 5.34
C SER A 39 -22.91 2.65 5.70
N PHE A 40 -22.26 3.02 6.81
CA PHE A 40 -22.28 4.39 7.29
C PHE A 40 -20.95 4.74 7.96
N CYS A 41 -20.53 5.99 7.81
CA CYS A 41 -19.39 6.58 8.49
C CYS A 41 -19.58 8.04 8.72
N ALA A 42 -18.85 8.59 9.67
CA ALA A 42 -18.89 10.02 9.91
C ALA A 42 -17.52 10.60 9.45
N GLY A 43 -17.46 11.91 9.31
CA GLY A 43 -16.25 12.62 8.93
C GLY A 43 -16.32 14.07 9.34
N SER A 44 -15.28 14.83 9.01
CA SER A 44 -15.24 16.25 9.35
C SER A 44 -14.88 17.10 8.15
N LEU A 45 -15.66 18.12 7.88
CA LEU A 45 -15.38 19.06 6.80
C LEU A 45 -14.18 19.93 7.25
N ILE A 46 -13.01 19.80 6.57
CA ILE A 46 -11.85 20.63 6.90
C ILE A 46 -11.64 21.79 5.89
N ALA A 47 -12.43 21.84 4.83
CA ALA A 47 -12.41 22.86 3.77
C ALA A 47 -13.68 22.65 2.94
N PRO A 48 -14.16 23.66 2.18
CA PRO A 48 -15.41 23.46 1.40
C PRO A 48 -15.48 22.20 0.52
N CYS A 49 -14.36 21.74 -0.05
CA CYS A 49 -14.37 20.54 -0.90
C CYS A 49 -13.72 19.32 -0.26
N TRP A 50 -13.40 19.36 1.05
CA TRP A 50 -12.68 18.25 1.68
C TRP A 50 -13.26 17.75 2.99
N VAL A 51 -13.31 16.43 3.16
CA VAL A 51 -13.78 15.76 4.38
C VAL A 51 -12.72 14.77 4.87
N LEU A 52 -12.34 14.89 6.14
CA LEU A 52 -11.35 13.98 6.72
C LEU A 52 -12.13 12.89 7.46
N THR A 53 -11.87 11.62 7.12
CA THR A 53 -12.54 10.50 7.75
C THR A 53 -11.50 9.40 8.14
N ALA A 54 -11.93 8.22 8.61
CA ALA A 54 -11.03 7.12 8.94
C ALA A 54 -10.84 6.27 7.66
N ALA A 55 -9.63 5.72 7.47
CA ALA A 55 -9.38 4.87 6.30
C ALA A 55 -10.10 3.53 6.44
N HIS A 56 -10.25 2.99 7.66
CA HIS A 56 -10.91 1.68 7.84
C HIS A 56 -12.35 1.64 7.30
N CYS A 57 -13.03 2.81 7.25
CA CYS A 57 -14.38 2.93 6.72
C CYS A 57 -14.41 2.49 5.27
N LEU A 58 -13.41 2.93 4.48
CA LEU A 58 -13.38 2.71 3.04
C LEU A 58 -12.42 1.59 2.62
N GLN A 59 -12.00 0.69 3.54
CA GLN A 59 -11.01 -0.34 3.19
C GLN A 59 -11.50 -1.33 2.12
N ASP A 60 -12.83 -1.62 2.04
CA ASP A 60 -13.34 -2.49 0.97
C ASP A 60 -13.42 -1.76 -0.39
N ARG A 61 -13.02 -0.51 -0.44
CA ARG A 61 -12.95 0.32 -1.64
C ARG A 61 -14.23 0.44 -2.44
N PRO A 62 -15.26 1.09 -1.88
CA PRO A 62 -16.47 1.36 -2.70
C PRO A 62 -16.13 2.38 -3.81
N ALA A 63 -16.88 2.38 -4.91
CA ALA A 63 -16.63 3.36 -5.97
C ALA A 63 -17.00 4.76 -5.46
N PRO A 64 -16.20 5.80 -5.74
CA PRO A 64 -16.58 7.16 -5.29
C PRO A 64 -18.00 7.58 -5.71
N GLU A 65 -18.53 7.00 -6.80
CA GLU A 65 -19.87 7.27 -7.32
C GLU A 65 -20.99 6.67 -6.46
N ASP A 66 -20.66 5.66 -5.62
CA ASP A 66 -21.63 5.03 -4.73
C ASP A 66 -21.81 5.77 -3.40
N LEU A 67 -20.95 6.77 -3.12
CA LEU A 67 -20.92 7.49 -1.85
C LEU A 67 -21.74 8.75 -1.90
N THR A 68 -22.39 9.04 -0.77
CA THR A 68 -23.14 10.26 -0.56
C THR A 68 -22.62 10.91 0.71
N VAL A 69 -22.33 12.22 0.66
CA VAL A 69 -21.94 12.96 1.87
C VAL A 69 -23.08 13.92 2.23
N VAL A 70 -23.54 13.91 3.49
CA VAL A 70 -24.56 14.85 3.93
C VAL A 70 -24.00 15.78 5.00
N LEU A 71 -24.05 17.11 4.75
CA LEU A 71 -23.64 18.14 5.71
C LEU A 71 -24.89 18.81 6.33
N GLY A 72 -24.78 19.23 7.57
CA GLY A 72 -25.90 19.91 8.24
C GLY A 72 -26.90 19.03 8.97
N GLN A 73 -26.63 17.71 9.02
CA GLN A 73 -27.54 16.76 9.67
C GLN A 73 -27.57 16.80 11.18
N GLU A 74 -28.76 16.54 11.73
CA GLU A 74 -28.96 16.46 13.16
C GLU A 74 -29.35 15.00 13.41
N ARG A 75 -30.45 14.55 12.73
CA ARG A 75 -30.95 13.19 12.72
C ARG A 75 -30.42 12.54 11.44
N ARG A 76 -29.85 11.36 11.60
CA ARG A 76 -29.26 10.58 10.52
C ARG A 76 -30.33 10.09 9.50
N ASN A 77 -31.58 9.88 9.97
CA ASN A 77 -32.71 9.31 9.22
C ASN A 77 -33.76 10.29 8.72
N HIS A 78 -33.52 11.59 8.80
CA HIS A 78 -34.50 12.57 8.31
C HIS A 78 -34.02 13.27 7.06
N SER A 79 -34.89 13.41 6.07
CA SER A 79 -34.57 14.22 4.89
C SER A 79 -34.74 15.66 5.34
N CYS A 80 -33.81 16.55 5.01
CA CYS A 80 -33.87 17.91 5.52
C CYS A 80 -33.51 18.96 4.43
N GLU A 81 -34.37 19.95 4.23
CA GLU A 81 -34.22 20.96 3.18
C GLU A 81 -32.86 21.73 3.26
N PRO A 82 -32.44 22.30 4.42
CA PRO A 82 -31.13 22.98 4.44
C PRO A 82 -29.91 22.08 4.47
N CYS A 83 -30.08 20.74 4.58
CA CYS A 83 -28.96 19.81 4.58
C CYS A 83 -28.32 19.74 3.19
N GLN A 84 -27.01 19.54 3.08
CA GLN A 84 -26.36 19.49 1.77
C GLN A 84 -25.90 18.12 1.39
N THR A 85 -26.47 17.57 0.32
CA THR A 85 -26.12 16.25 -0.16
C THR A 85 -25.12 16.44 -1.29
N LEU A 86 -23.93 15.89 -1.15
CA LEU A 86 -22.88 16.04 -2.14
C LEU A 86 -22.33 14.71 -2.58
N ALA A 87 -21.96 14.64 -3.86
CA ALA A 87 -21.31 13.46 -4.41
C ALA A 87 -19.80 13.51 -4.09
N VAL A 88 -19.14 12.35 -4.16
CA VAL A 88 -17.71 12.26 -3.89
C VAL A 88 -17.01 12.07 -5.22
N ARG A 89 -16.12 12.99 -5.55
CA ARG A 89 -15.38 12.95 -6.78
C ARG A 89 -14.32 11.84 -6.70
N SER A 90 -13.59 11.81 -5.59
CA SER A 90 -12.55 10.81 -5.38
C SER A 90 -12.18 10.75 -3.90
N TYR A 91 -11.41 9.75 -3.50
CA TYR A 91 -10.96 9.66 -2.11
C TYR A 91 -9.56 9.07 -2.02
N ARG A 92 -8.86 9.38 -0.94
CA ARG A 92 -7.51 8.89 -0.75
C ARG A 92 -7.34 8.40 0.65
N LEU A 93 -7.07 7.11 0.80
CA LEU A 93 -6.77 6.56 2.12
C LEU A 93 -5.29 6.85 2.34
N HIS A 94 -4.82 6.87 3.62
CA HIS A 94 -3.38 7.04 3.87
C HIS A 94 -2.68 5.77 3.29
N GLU A 95 -1.63 5.98 2.47
CA GLU A 95 -0.93 4.89 1.80
C GLU A 95 -0.40 3.82 2.76
N ALA A 96 -0.17 4.17 4.03
CA ALA A 96 0.35 3.23 5.01
C ALA A 96 -0.69 2.61 5.91
N PHE A 97 -2.02 2.83 5.64
CA PHE A 97 -3.04 2.25 6.52
C PHE A 97 -2.90 0.75 6.64
N SER A 98 -2.88 0.26 7.88
CA SER A 98 -2.75 -1.17 8.15
C SER A 98 -4.07 -1.70 8.66
N PRO A 99 -4.75 -2.56 7.88
CA PRO A 99 -6.00 -3.15 8.38
C PRO A 99 -5.82 -4.08 9.60
N VAL A 100 -4.57 -4.42 9.96
CA VAL A 100 -4.32 -5.30 11.12
C VAL A 100 -4.16 -4.50 12.41
N SER A 101 -3.33 -3.47 12.40
CA SER A 101 -3.07 -2.66 13.60
C SER A 101 -3.86 -1.34 13.68
N TYR A 102 -4.44 -0.91 12.56
CA TYR A 102 -5.18 0.37 12.38
C TYR A 102 -4.25 1.59 12.43
N GLN A 103 -2.94 1.40 12.27
CA GLN A 103 -2.01 2.52 12.26
C GLN A 103 -2.25 3.28 10.95
N HIS A 104 -2.09 4.60 10.97
CA HIS A 104 -2.28 5.47 9.81
C HIS A 104 -3.70 5.37 9.30
N ASP A 105 -4.69 5.40 10.25
CA ASP A 105 -6.13 5.32 9.94
C ASP A 105 -6.71 6.68 9.61
N LEU A 106 -6.48 7.17 8.37
CA LEU A 106 -7.05 8.44 7.93
C LEU A 106 -7.28 8.44 6.46
N ALA A 107 -8.30 9.17 6.03
CA ALA A 107 -8.65 9.25 4.62
C ALA A 107 -9.23 10.62 4.27
N LEU A 108 -9.00 11.11 3.05
CA LEU A 108 -9.57 12.36 2.57
C LEU A 108 -10.61 12.08 1.47
N LEU A 109 -11.78 12.72 1.53
CA LEU A 109 -12.77 12.58 0.47
C LEU A 109 -12.79 13.93 -0.24
N ARG A 110 -12.63 13.93 -1.55
CA ARG A 110 -12.75 15.16 -2.31
C ARG A 110 -14.21 15.22 -2.78
N LEU A 111 -14.92 16.27 -2.37
CA LEU A 111 -16.31 16.44 -2.72
C LEU A 111 -16.44 16.87 -4.18
N GLN A 112 -17.58 16.55 -4.79
CA GLN A 112 -17.83 16.90 -6.17
C GLN A 112 -18.30 18.34 -6.29
N GLU A 113 -17.51 19.18 -6.98
CA GLU A 113 -17.87 20.57 -7.19
C GLU A 113 -18.94 20.69 -8.27
N ASP A 114 -19.73 21.77 -8.22
CA ASP A 114 -20.74 22.00 -9.24
C ASP A 114 -20.11 22.76 -10.47
N ALA A 115 -20.92 23.20 -11.43
CA ALA A 115 -20.46 23.93 -12.61
C ALA A 115 -19.58 25.13 -12.26
N ASP A 116 -19.95 25.86 -11.18
CA ASP A 116 -19.23 27.05 -10.73
C ASP A 116 -17.96 26.78 -9.90
N GLY A 117 -17.73 25.53 -9.51
CA GLY A 117 -16.56 25.16 -8.73
C GLY A 117 -16.76 25.16 -7.23
N SER A 118 -18.01 25.21 -6.76
CA SER A 118 -18.29 25.18 -5.32
C SER A 118 -18.76 23.80 -4.83
N CYS A 119 -18.42 23.46 -3.59
CA CYS A 119 -18.80 22.18 -2.98
C CYS A 119 -19.74 22.50 -1.79
N ALA A 120 -19.23 22.59 -0.55
CA ALA A 120 -20.08 22.93 0.59
C ALA A 120 -20.31 24.43 0.59
N LEU A 121 -21.55 24.85 0.81
CA LEU A 121 -21.89 26.26 0.90
C LEU A 121 -21.98 26.57 2.37
N LEU A 122 -21.15 27.50 2.85
CA LEU A 122 -21.13 27.80 4.26
C LEU A 122 -22.38 28.52 4.70
N SER A 123 -22.79 28.21 5.90
CA SER A 123 -23.96 28.76 6.55
C SER A 123 -23.77 28.58 8.09
N PRO A 124 -24.68 29.08 8.95
CA PRO A 124 -24.53 28.83 10.39
C PRO A 124 -24.54 27.33 10.75
N TYR A 125 -25.14 26.49 9.89
CA TYR A 125 -25.25 25.04 10.13
C TYR A 125 -24.11 24.22 9.49
N VAL A 126 -23.43 24.77 8.45
CA VAL A 126 -22.32 24.09 7.75
C VAL A 126 -21.07 24.97 7.74
N GLN A 127 -20.04 24.58 8.51
CA GLN A 127 -18.81 25.35 8.64
C GLN A 127 -17.62 24.40 8.73
N PRO A 128 -16.45 24.73 8.14
CA PRO A 128 -15.28 23.85 8.27
C PRO A 128 -14.71 23.89 9.69
N VAL A 129 -14.15 22.76 10.15
CA VAL A 129 -13.52 22.70 11.47
C VAL A 129 -12.05 23.07 11.29
N CYS A 130 -11.40 23.67 12.33
CA CYS A 130 -10.00 24.02 12.22
C CYS A 130 -9.08 22.80 12.34
N LEU A 131 -7.94 22.85 11.67
CA LEU A 131 -6.91 21.83 11.80
C LEU A 131 -5.96 22.27 12.94
N PRO A 132 -5.38 21.31 13.69
CA PRO A 132 -4.52 21.67 14.82
C PRO A 132 -3.18 22.33 14.50
N SER A 133 -2.45 22.72 15.57
CA SER A 133 -1.14 23.39 15.60
C SER A 133 -1.16 24.81 14.98
N LEU A 143 -12.03 20.24 28.00
CA LEU A 143 -12.52 21.07 26.90
C LEU A 143 -12.66 20.33 25.56
N CYS A 144 -12.61 18.99 25.56
CA CYS A 144 -12.69 18.21 24.32
C CYS A 144 -13.92 17.34 24.26
N GLN A 145 -14.41 17.09 23.05
CA GLN A 145 -15.63 16.32 22.85
C GLN A 145 -15.55 15.38 21.68
N VAL A 146 -16.22 14.24 21.80
CA VAL A 146 -16.36 13.23 20.77
C VAL A 146 -17.82 13.26 20.29
N ALA A 147 -18.06 13.19 18.99
CA ALA A 147 -19.44 13.24 18.47
C ALA A 147 -19.71 12.16 17.42
N GLY A 148 -20.95 11.73 17.33
CA GLY A 148 -21.32 10.70 16.38
C GLY A 148 -22.74 10.19 16.47
N TRP A 149 -23.13 9.36 15.52
CA TRP A 149 -24.47 8.76 15.49
C TRP A 149 -24.38 7.24 15.84
N GLY A 150 -23.25 6.76 16.39
CA GLY A 150 -23.07 5.34 16.66
C GLY A 150 -23.92 4.80 17.80
N HIS A 151 -23.69 3.53 18.16
CA HIS A 151 -24.42 2.84 19.23
C HIS A 151 -24.24 3.56 20.56
N GLN A 152 -25.34 3.74 21.29
CA GLN A 152 -25.29 4.42 22.57
C GLN A 152 -24.81 3.52 23.74
N PHE A 153 -24.48 2.26 23.44
CA PHE A 153 -23.91 1.21 24.30
C PHE A 153 -23.50 0.02 23.43
N GLU A 154 -22.51 -0.75 23.89
CA GLU A 154 -22.07 -1.92 23.14
C GLU A 154 -23.20 -2.95 23.13
N GLY A 155 -23.52 -3.47 21.96
CA GLY A 155 -24.62 -4.42 21.82
C GLY A 155 -25.95 -3.78 21.44
N ALA A 156 -26.00 -2.44 21.24
CA ALA A 156 -27.26 -1.80 20.84
C ALA A 156 -27.65 -2.26 19.46
N GLU A 157 -28.95 -2.48 19.23
CA GLU A 157 -29.40 -2.96 17.93
C GLU A 157 -29.41 -1.85 16.85
N GLU A 158 -29.30 -0.57 17.26
CA GLU A 158 -29.37 0.52 16.30
C GLU A 158 -28.46 1.72 16.58
N TYR A 159 -28.14 2.47 15.53
CA TYR A 159 -27.40 3.73 15.59
C TYR A 159 -28.30 4.77 16.26
N ALA A 160 -27.71 5.76 16.94
CA ALA A 160 -28.48 6.85 17.55
C ALA A 160 -29.23 7.63 16.47
N SER A 161 -30.44 8.12 16.77
CA SER A 161 -31.22 8.85 15.78
C SER A 161 -30.69 10.28 15.68
N PHE A 162 -30.50 10.92 16.81
CA PHE A 162 -29.92 12.25 16.85
C PHE A 162 -28.43 12.13 17.06
N LEU A 163 -27.68 13.10 16.54
CA LEU A 163 -26.23 13.20 16.81
C LEU A 163 -25.98 13.29 18.34
N GLN A 164 -24.96 12.59 18.83
CA GLN A 164 -24.62 12.59 20.24
C GLN A 164 -23.24 13.23 20.46
N GLU A 165 -23.03 13.86 21.61
CA GLU A 165 -21.77 14.53 21.93
C GLU A 165 -21.42 14.15 23.37
N ALA A 166 -20.15 13.90 23.64
CA ALA A 166 -19.71 13.62 25.02
C ALA A 166 -18.37 14.25 25.28
N GLN A 167 -18.16 14.79 26.49
CA GLN A 167 -16.88 15.42 26.84
C GLN A 167 -15.89 14.36 27.31
N VAL A 168 -14.69 14.34 26.72
CA VAL A 168 -13.65 13.38 27.07
C VAL A 168 -12.28 14.09 27.14
N PRO A 169 -11.48 13.77 28.15
CA PRO A 169 -10.16 14.40 28.23
C PRO A 169 -9.10 13.56 27.51
N PHE A 170 -8.01 14.21 27.12
CA PHE A 170 -6.88 13.52 26.51
C PHE A 170 -6.22 12.69 27.57
N LEU A 171 -5.72 11.54 27.16
CA LEU A 171 -4.95 10.69 28.04
C LEU A 171 -3.55 10.63 27.46
N SER A 172 -2.53 10.70 28.32
CA SER A 172 -1.15 10.66 27.86
C SER A 172 -0.81 9.29 27.26
N LEU A 173 0.19 9.26 26.38
CA LEU A 173 0.67 8.03 25.76
C LEU A 173 1.16 7.05 26.84
N GLU A 174 1.87 7.52 27.87
CA GLU A 174 2.33 6.65 28.95
C GLU A 174 1.17 5.93 29.67
N ARG A 175 0.03 6.63 29.86
CA ARG A 175 -1.11 6.01 30.51
C ARG A 175 -1.88 5.11 29.57
N CYS A 176 -2.07 5.54 28.30
CA CYS A 176 -2.79 4.69 27.34
C CYS A 176 -2.03 3.41 26.93
N SER A 177 -0.68 3.43 27.01
CA SER A 177 0.11 2.27 26.63
C SER A 177 0.55 1.41 27.83
N ALA A 178 -0.04 1.65 29.01
CA ALA A 178 0.21 0.81 30.19
C ALA A 178 -0.41 -0.57 29.89
N PRO A 179 0.22 -1.66 30.35
CA PRO A 179 -0.27 -2.99 30.00
C PRO A 179 -1.74 -3.27 30.32
N ASP A 180 -2.29 -2.69 31.41
CA ASP A 180 -3.70 -2.93 31.74
C ASP A 180 -4.67 -2.08 30.89
N VAL A 181 -4.16 -1.09 30.13
CA VAL A 181 -4.94 -0.27 29.22
C VAL A 181 -4.81 -0.87 27.77
N HIS A 182 -4.01 -0.30 26.85
CA HIS A 182 -3.87 -0.83 25.50
C HIS A 182 -2.50 -1.41 25.17
N GLY A 183 -1.54 -1.28 26.07
CA GLY A 183 -0.20 -1.82 25.86
C GLY A 183 0.45 -1.43 24.55
N SER A 184 1.12 -2.39 23.92
CA SER A 184 1.85 -2.23 22.66
C SER A 184 0.98 -1.93 21.43
N SER A 185 -0.34 -1.85 21.60
CA SER A 185 -1.27 -1.57 20.49
C SER A 185 -1.31 -0.06 20.12
N ILE A 186 -0.81 0.82 21.01
CA ILE A 186 -0.81 2.25 20.75
C ILE A 186 0.45 2.59 19.98
N LEU A 187 0.29 2.97 18.72
CA LEU A 187 1.42 3.20 17.83
C LEU A 187 1.56 4.65 17.42
N PRO A 188 2.74 5.10 16.93
CA PRO A 188 2.87 6.49 16.46
C PRO A 188 1.77 6.89 15.49
N GLY A 189 1.12 8.00 15.77
CA GLY A 189 -0.03 8.45 14.99
C GLY A 189 -1.36 8.25 15.70
N MET A 190 -1.37 7.47 16.81
CA MET A 190 -2.56 7.25 17.60
C MET A 190 -2.53 8.09 18.89
N LEU A 191 -3.72 8.37 19.42
CA LEU A 191 -3.90 9.04 20.69
C LEU A 191 -5.13 8.49 21.36
N CYS A 192 -5.20 8.65 22.68
CA CYS A 192 -6.35 8.21 23.42
C CYS A 192 -7.03 9.34 24.10
N ALA A 193 -8.32 9.19 24.24
CA ALA A 193 -9.14 10.17 24.93
C ALA A 193 -10.24 9.40 25.64
N GLY A 194 -10.61 9.91 26.79
CA GLY A 194 -11.66 9.30 27.59
C GLY A 194 -11.27 9.11 29.03
N PHE A 195 -11.94 8.18 29.69
CA PHE A 195 -11.74 7.97 31.11
C PHE A 195 -11.36 6.55 31.39
N LEU A 196 -10.38 6.35 32.28
CA LEU A 196 -10.04 4.99 32.70
C LEU A 196 -11.14 4.37 33.58
N GLU A 197 -12.00 5.20 34.18
CA GLU A 197 -13.17 4.71 34.95
C GLU A 197 -14.26 4.14 34.03
N GLY A 198 -14.29 4.58 32.77
CA GLY A 198 -15.29 4.15 31.79
C GLY A 198 -16.53 5.03 31.79
N GLY A 199 -17.58 4.57 31.11
CA GLY A 199 -18.86 5.27 31.04
C GLY A 199 -19.07 6.21 29.86
N THR A 200 -18.03 6.95 29.44
CA THR A 200 -18.12 7.95 28.38
C THR A 200 -17.07 7.69 27.32
N ASP A 201 -17.50 7.40 26.08
CA ASP A 201 -16.58 6.99 25.04
C ASP A 201 -17.24 6.95 23.66
N ALA A 202 -16.45 6.74 22.61
CA ALA A 202 -16.97 6.45 21.29
C ALA A 202 -17.39 4.95 21.32
N CYS A 203 -18.15 4.51 20.31
CA CYS A 203 -18.62 3.13 20.21
C CYS A 203 -18.76 2.76 18.72
N GLN A 204 -19.18 1.51 18.42
CA GLN A 204 -19.43 1.04 17.05
C GLN A 204 -20.39 1.99 16.30
N GLY A 205 -20.02 2.40 15.09
CA GLY A 205 -20.83 3.35 14.33
C GLY A 205 -20.35 4.77 14.42
N ASP A 206 -19.38 5.08 15.34
CA ASP A 206 -18.79 6.41 15.44
C ASP A 206 -17.56 6.60 14.55
N SER A 207 -17.15 5.55 13.83
CA SER A 207 -16.00 5.53 12.96
C SER A 207 -15.86 6.75 12.07
N GLY A 208 -14.64 7.31 12.07
CA GLY A 208 -14.31 8.44 11.23
C GLY A 208 -14.74 9.78 11.73
N GLY A 209 -15.59 9.80 12.75
CA GLY A 209 -16.11 11.03 13.32
C GLY A 209 -15.06 11.82 14.07
N PRO A 210 -15.49 12.94 14.65
CA PRO A 210 -14.51 13.85 15.27
C PRO A 210 -14.25 13.76 16.75
N LEU A 211 -13.08 14.28 17.13
CA LEU A 211 -12.67 14.54 18.50
C LEU A 211 -12.21 15.99 18.39
N VAL A 212 -13.04 16.95 18.79
CA VAL A 212 -12.73 18.37 18.69
C VAL A 212 -12.46 19.00 20.05
N CYS A 213 -11.58 19.99 20.08
CA CYS A 213 -11.27 20.73 21.30
C CYS A 213 -11.48 22.22 21.02
N GLU A 214 -11.91 22.96 22.04
CA GLU A 214 -12.03 24.40 21.89
C GLU A 214 -10.60 24.99 22.07
N ASP A 215 -10.09 25.74 21.09
CA ASP A 215 -8.73 26.29 21.17
C ASP A 215 -8.74 27.61 21.95
N GLN A 216 -8.36 27.59 23.24
CA GLN A 216 -8.31 28.79 24.10
C GLN A 216 -7.41 29.89 23.51
N ALA A 217 -6.32 29.52 22.81
CA ALA A 217 -5.43 30.50 22.20
C ALA A 217 -6.03 31.20 20.94
N ALA A 218 -7.04 30.59 20.32
CA ALA A 218 -7.66 31.15 19.12
C ALA A 218 -9.19 31.25 19.23
N GLU A 219 -9.67 32.07 20.20
CA GLU A 219 -11.09 32.37 20.44
C GLU A 219 -12.01 31.16 20.63
N ARG A 220 -11.52 30.09 21.28
CA ARG A 220 -12.25 28.85 21.54
C ARG A 220 -12.77 28.13 20.26
N ARG A 221 -12.15 28.40 19.10
CA ARG A 221 -12.58 27.76 17.85
C ARG A 221 -12.36 26.25 17.88
N LEU A 222 -13.31 25.51 17.30
CA LEU A 222 -13.29 24.07 17.23
C LEU A 222 -12.11 23.55 16.40
N THR A 223 -11.29 22.71 17.00
CA THR A 223 -10.08 22.20 16.37
C THR A 223 -10.07 20.70 16.42
N LEU A 224 -9.97 20.11 15.25
CA LEU A 224 -9.99 18.66 15.10
C LEU A 224 -8.70 18.03 15.64
N GLN A 225 -8.79 17.35 16.79
CA GLN A 225 -7.61 16.70 17.37
C GLN A 225 -7.51 15.22 17.09
N GLY A 226 -8.62 14.58 16.78
CA GLY A 226 -8.62 13.15 16.53
C GLY A 226 -9.71 12.72 15.62
N ILE A 227 -9.54 11.50 15.04
CA ILE A 227 -10.51 10.84 14.20
C ILE A 227 -10.84 9.52 14.92
N ILE A 228 -12.13 9.24 15.19
CA ILE A 228 -12.54 8.02 15.88
C ILE A 228 -12.08 6.79 15.08
N SER A 229 -11.18 6.00 15.67
CA SER A 229 -10.56 4.88 14.96
C SER A 229 -10.94 3.51 15.49
N TRP A 230 -10.62 3.19 16.76
CA TRP A 230 -10.92 1.86 17.30
C TRP A 230 -10.94 1.83 18.81
N GLY A 231 -11.45 0.76 19.37
CA GLY A 231 -11.45 0.56 20.81
C GLY A 231 -11.73 -0.89 21.20
N SER A 232 -11.46 -1.24 22.46
CA SER A 232 -11.78 -2.56 22.98
C SER A 232 -13.05 -2.31 23.80
N GLY A 233 -14.19 -2.69 23.25
CA GLY A 233 -15.48 -2.39 23.87
C GLY A 233 -15.86 -0.92 23.72
N CYS A 234 -16.90 -0.49 24.49
CA CYS A 234 -17.38 0.90 24.49
C CYS A 234 -17.60 1.32 25.94
N GLY A 235 -16.78 2.23 26.45
CA GLY A 235 -16.93 2.73 27.82
C GLY A 235 -16.53 1.74 28.89
N ASP A 236 -15.71 0.74 28.55
CA ASP A 236 -15.22 -0.22 29.52
C ASP A 236 -14.16 0.40 30.42
N ARG A 237 -13.98 -0.16 31.63
CA ARG A 237 -12.94 0.32 32.53
C ARG A 237 -11.56 0.01 31.89
N ASN A 238 -10.65 0.98 31.98
CA ASN A 238 -9.29 0.92 31.44
C ASN A 238 -9.20 0.76 29.95
N LYS A 239 -10.30 0.91 29.20
CA LYS A 239 -10.26 0.77 27.76
C LYS A 239 -10.78 2.03 27.06
N PRO A 240 -10.03 3.15 27.07
CA PRO A 240 -10.53 4.37 26.43
C PRO A 240 -10.44 4.30 24.89
N GLY A 241 -11.22 5.13 24.20
CA GLY A 241 -11.21 5.16 22.75
C GLY A 241 -9.87 5.57 22.18
N VAL A 242 -9.49 4.97 21.03
CA VAL A 242 -8.24 5.27 20.34
C VAL A 242 -8.62 6.05 19.06
N TYR A 243 -7.89 7.12 18.80
CA TYR A 243 -8.13 8.02 17.68
C TYR A 243 -6.86 8.21 16.86
N THR A 244 -7.03 8.67 15.61
CA THR A 244 -5.91 9.06 14.78
C THR A 244 -5.56 10.50 15.24
N ASP A 245 -4.27 10.74 15.55
CA ASP A 245 -3.71 12.01 15.98
C ASP A 245 -3.59 12.94 14.75
N VAL A 246 -4.56 13.83 14.55
CA VAL A 246 -4.59 14.70 13.37
C VAL A 246 -3.33 15.55 13.21
N ALA A 247 -2.81 16.12 14.33
CA ALA A 247 -1.62 16.97 14.30
C ALA A 247 -0.42 16.20 13.73
N TYR A 248 -0.30 14.90 14.08
CA TYR A 248 0.76 13.99 13.61
C TYR A 248 0.80 13.90 12.08
N TYR A 249 -0.38 14.01 11.43
CA TYR A 249 -0.55 13.87 9.99
C TYR A 249 -0.80 15.20 9.25
N LEU A 250 -0.54 16.34 9.90
CA LEU A 250 -0.75 17.68 9.33
C LEU A 250 -0.17 17.92 7.94
N ALA A 251 1.12 17.64 7.74
CA ALA A 251 1.77 17.84 6.45
C ALA A 251 1.13 16.90 5.40
N TRP A 252 0.82 15.62 5.75
CA TRP A 252 0.16 14.71 4.80
C TRP A 252 -1.18 15.31 4.29
N ILE A 253 -2.03 15.80 5.23
CA ILE A 253 -3.33 16.38 4.94
C ILE A 253 -3.16 17.62 4.10
N ARG A 254 -2.19 18.48 4.43
CA ARG A 254 -1.95 19.70 3.65
C ARG A 254 -1.45 19.41 2.25
N GLU A 255 -0.62 18.36 2.10
CA GLU A 255 -0.07 17.94 0.83
C GLU A 255 -1.18 17.39 -0.08
N HIS A 256 -2.02 16.52 0.45
CA HIS A 256 -3.06 15.88 -0.35
C HIS A 256 -4.38 16.66 -0.44
N THR A 257 -4.41 17.94 0.01
CA THR A 257 -5.62 18.75 -0.15
C THR A 257 -5.39 19.99 -1.02
N VAL A 258 -4.48 19.91 -1.98
CA VAL A 258 -4.19 21.05 -2.87
C VAL A 258 -5.24 21.21 -3.99
N SER B 2 32.51 10.65 -11.86
CA SER B 2 31.11 11.09 -11.81
C SER B 2 30.42 10.57 -10.55
N CYS B 3 30.67 9.31 -10.22
CA CYS B 3 30.10 8.66 -9.02
C CYS B 3 31.05 7.59 -8.54
N GLY B 4 30.91 7.21 -7.29
CA GLY B 4 31.71 6.14 -6.72
C GLY B 4 33.16 6.48 -6.41
N GLN B 5 33.52 7.77 -6.49
CA GLN B 5 34.86 8.26 -6.16
C GLN B 5 35.07 8.09 -4.65
N ARG B 6 36.30 7.87 -4.23
CA ARG B 6 36.62 7.64 -2.83
C ARG B 6 37.94 8.34 -2.53
N LEU B 7 38.01 9.07 -1.42
CA LEU B 7 39.18 9.84 -1.02
C LEU B 7 40.31 9.03 -0.37
N ARG B 8 39.96 8.09 0.50
CA ARG B 8 40.93 7.35 1.30
C ARG B 8 40.39 5.98 1.65
N VAL B 17 27.89 -2.04 13.27
CA VAL B 17 28.75 -2.94 12.49
C VAL B 17 29.66 -3.69 13.41
N VAL B 18 29.59 -5.02 13.39
CA VAL B 18 30.40 -5.86 14.25
C VAL B 18 31.64 -6.30 13.49
N GLY B 19 32.80 -6.23 14.12
CA GLY B 19 34.07 -6.64 13.52
C GLY B 19 34.58 -5.72 12.42
N GLY B 20 34.24 -4.45 12.52
CA GLY B 20 34.68 -3.46 11.54
C GLY B 20 35.84 -2.63 12.04
N LEU B 21 36.19 -1.61 11.29
CA LEU B 21 37.26 -0.67 11.60
C LEU B 21 36.73 0.72 11.33
N VAL B 22 37.33 1.73 11.94
CA VAL B 22 36.93 3.11 11.73
C VAL B 22 37.06 3.52 10.25
N ALA B 23 36.09 4.24 9.73
CA ALA B 23 36.09 4.74 8.36
C ALA B 23 36.08 6.27 8.45
N LEU B 24 37.19 6.88 8.13
CA LEU B 24 37.34 8.33 8.27
C LEU B 24 36.68 9.13 7.13
N ARG B 25 36.51 10.46 7.31
CA ARG B 25 35.90 11.34 6.29
C ARG B 25 36.50 11.12 4.90
N GLY B 26 35.64 10.86 3.92
CA GLY B 26 36.10 10.57 2.56
C GLY B 26 36.20 9.09 2.23
N ALA B 27 36.11 8.18 3.23
CA ALA B 27 36.16 6.73 2.96
C ALA B 27 34.86 6.23 2.31
N HIS B 28 33.73 6.81 2.71
CA HIS B 28 32.42 6.52 2.17
C HIS B 28 31.77 7.90 1.95
N PRO B 29 32.20 8.67 0.94
CA PRO B 29 31.69 10.04 0.79
C PRO B 29 30.20 10.18 0.46
N TYR B 30 29.55 9.08 0.09
CA TYR B 30 28.14 9.04 -0.26
C TYR B 30 27.22 8.80 0.96
N ILE B 31 27.78 8.45 2.13
CA ILE B 31 26.95 8.03 3.25
C ILE B 31 26.22 9.23 3.86
N ALA B 32 24.94 9.03 4.09
CA ALA B 32 24.08 10.07 4.65
C ALA B 32 23.63 9.61 6.03
N ALA B 33 23.54 10.55 6.97
CA ALA B 33 23.06 10.27 8.31
C ALA B 33 21.69 10.96 8.42
N LEU B 34 20.64 10.23 8.82
CA LEU B 34 19.26 10.74 8.92
C LEU B 34 18.79 10.83 10.36
N TYR B 35 18.41 12.04 10.78
CA TYR B 35 17.97 12.25 12.15
C TYR B 35 16.57 12.76 12.25
N TRP B 36 15.85 12.33 13.27
CA TRP B 36 14.52 12.85 13.58
C TRP B 36 14.15 12.39 14.98
N GLY B 37 13.70 13.30 15.87
CA GLY B 37 13.37 12.98 17.26
C GLY B 37 14.52 12.29 17.97
N HIS B 38 14.26 11.13 18.56
CA HIS B 38 15.34 10.31 19.15
C HIS B 38 15.71 9.14 18.19
N SER B 39 15.32 9.21 16.90
CA SER B 39 15.58 8.17 15.92
C SER B 39 16.73 8.47 14.97
N PHE B 40 17.34 7.42 14.43
CA PHE B 40 18.46 7.54 13.52
C PHE B 40 18.41 6.46 12.43
N CYS B 41 18.84 6.81 11.23
CA CYS B 41 19.05 5.90 10.11
C CYS B 41 20.16 6.37 9.23
N ALA B 42 20.71 5.46 8.44
CA ALA B 42 21.75 5.82 7.49
C ALA B 42 21.14 5.68 6.07
N GLY B 43 21.81 6.24 5.09
CA GLY B 43 21.40 6.17 3.70
C GLY B 43 22.57 6.38 2.77
N SER B 44 22.31 6.38 1.46
CA SER B 44 23.35 6.62 0.48
C SER B 44 22.94 7.66 -0.53
N LEU B 45 23.78 8.67 -0.74
CA LEU B 45 23.55 9.68 -1.75
C LEU B 45 23.75 9.03 -3.14
N ILE B 46 22.67 8.89 -3.95
CA ILE B 46 22.79 8.35 -5.30
C ILE B 46 22.76 9.44 -6.41
N ALA B 47 22.55 10.70 -6.03
CA ALA B 47 22.50 11.87 -6.91
C ALA B 47 22.50 13.11 -5.99
N PRO B 48 22.84 14.32 -6.47
CA PRO B 48 22.90 15.49 -5.56
C PRO B 48 21.64 15.77 -4.74
N CYS B 49 20.44 15.44 -5.25
CA CYS B 49 19.20 15.69 -4.50
C CYS B 49 18.52 14.40 -4.03
N TRP B 50 19.20 13.23 -4.11
CA TRP B 50 18.54 11.97 -3.73
C TRP B 50 19.35 11.07 -2.81
N VAL B 51 18.68 10.49 -1.81
CA VAL B 51 19.26 9.54 -0.85
C VAL B 51 18.42 8.25 -0.83
N LEU B 52 19.09 7.10 -0.98
CA LEU B 52 18.41 5.83 -0.96
C LEU B 52 18.59 5.25 0.44
N THR B 53 17.49 4.91 1.10
CA THR B 53 17.52 4.36 2.45
C THR B 53 16.59 3.13 2.56
N ALA B 54 16.40 2.56 3.74
CA ALA B 54 15.47 1.44 3.94
C ALA B 54 14.08 2.01 4.25
N ALA B 55 13.02 1.34 3.76
CA ALA B 55 11.66 1.79 4.04
C ALA B 55 11.30 1.58 5.51
N HIS B 56 11.81 0.51 6.15
CA HIS B 56 11.47 0.22 7.55
C HIS B 56 11.83 1.37 8.51
N CYS B 57 12.83 2.19 8.16
CA CYS B 57 13.24 3.35 8.96
C CYS B 57 12.08 4.32 9.13
N LEU B 58 11.33 4.51 8.03
CA LEU B 58 10.28 5.49 7.89
C LEU B 58 8.88 4.93 7.92
N GLN B 59 8.69 3.71 8.46
CA GLN B 59 7.38 3.08 8.48
C GLN B 59 6.35 3.83 9.39
N ASP B 60 6.81 4.52 10.47
CA ASP B 60 5.86 5.30 11.28
C ASP B 60 5.49 6.66 10.66
N ARG B 61 6.06 6.97 9.49
CA ARG B 61 5.77 8.14 8.70
C ARG B 61 5.97 9.48 9.40
N PRO B 62 7.24 9.82 9.76
CA PRO B 62 7.48 11.18 10.28
C PRO B 62 7.26 12.23 9.17
N ALA B 63 6.95 13.49 9.54
CA ALA B 63 6.77 14.53 8.53
C ALA B 63 8.13 14.82 7.88
N PRO B 64 8.19 15.01 6.55
CA PRO B 64 9.48 15.35 5.91
C PRO B 64 10.19 16.55 6.53
N GLU B 65 9.43 17.46 7.18
CA GLU B 65 9.94 18.65 7.84
C GLU B 65 10.67 18.35 9.16
N ASP B 66 10.41 17.20 9.76
CA ASP B 66 11.07 16.79 11.00
C ASP B 66 12.41 16.08 10.78
N LEU B 67 12.77 15.79 9.52
CA LEU B 67 13.98 15.06 9.17
C LEU B 67 15.12 15.95 8.85
N THR B 68 16.33 15.51 9.24
CA THR B 68 17.55 16.21 8.88
C THR B 68 18.51 15.20 8.27
N VAL B 69 19.09 15.52 7.12
CA VAL B 69 20.10 14.65 6.50
C VAL B 69 21.47 15.32 6.65
N VAL B 70 22.48 14.59 7.12
CA VAL B 70 23.83 15.13 7.22
C VAL B 70 24.79 14.36 6.33
N LEU B 71 25.46 15.06 5.39
CA LEU B 71 26.47 14.48 4.51
C LEU B 71 27.89 14.90 4.97
N GLY B 72 28.86 14.03 4.77
CA GLY B 72 30.25 14.31 5.14
C GLY B 72 30.65 13.95 6.56
N GLN B 73 29.77 13.29 7.32
CA GLN B 73 30.05 12.95 8.71
C GLN B 73 31.00 11.81 8.91
N GLU B 74 31.77 11.90 9.98
CA GLU B 74 32.70 10.88 10.40
C GLU B 74 32.19 10.39 11.77
N ARG B 75 32.02 11.32 12.71
CA ARG B 75 31.47 11.03 14.01
C ARG B 75 30.02 11.54 14.00
N ARG B 76 29.06 10.74 14.47
CA ARG B 76 27.66 11.16 14.51
C ARG B 76 27.47 12.41 15.42
N ASN B 77 28.06 12.33 16.63
CA ASN B 77 27.92 13.30 17.71
C ASN B 77 28.77 14.56 17.62
N HIS B 78 29.42 14.82 16.48
CA HIS B 78 30.23 16.03 16.36
C HIS B 78 29.60 17.02 15.40
N SER B 79 29.54 18.28 15.77
CA SER B 79 29.13 19.35 14.87
C SER B 79 30.35 19.56 13.97
N CYS B 80 30.17 19.67 12.67
CA CYS B 80 31.31 19.78 11.77
C CYS B 80 31.05 20.83 10.68
N GLU B 81 31.94 21.82 10.58
CA GLU B 81 31.80 22.96 9.68
C GLU B 81 31.64 22.55 8.19
N PRO B 82 32.50 21.68 7.61
CA PRO B 82 32.28 21.29 6.20
C PRO B 82 31.15 20.27 5.96
N CYS B 83 30.54 19.71 7.01
CA CYS B 83 29.43 18.75 6.85
C CYS B 83 28.20 19.47 6.29
N GLN B 84 27.37 18.78 5.49
CA GLN B 84 26.20 19.43 4.89
C GLN B 84 24.90 18.98 5.52
N THR B 85 24.19 19.90 6.16
CA THR B 85 22.91 19.61 6.80
C THR B 85 21.84 20.03 5.82
N LEU B 86 20.99 19.11 5.41
CA LEU B 86 19.95 19.39 4.44
C LEU B 86 18.59 18.94 4.95
N ALA B 87 17.57 19.70 4.61
CA ALA B 87 16.20 19.36 4.93
C ALA B 87 15.68 18.35 3.86
N VAL B 88 14.61 17.65 4.19
CA VAL B 88 14.01 16.68 3.30
C VAL B 88 12.72 17.28 2.76
N ARG B 89 12.64 17.43 1.45
CA ARG B 89 11.47 18.01 0.81
C ARG B 89 10.33 16.98 0.85
N SER B 90 10.63 15.73 0.51
CA SER B 90 9.63 14.67 0.50
C SER B 90 10.32 13.31 0.49
N TYR B 91 9.57 12.23 0.71
CA TYR B 91 10.15 10.90 0.65
C TYR B 91 9.15 9.89 0.10
N ARG B 92 9.64 8.80 -0.46
CA ARG B 92 8.77 7.78 -1.02
C ARG B 92 9.25 6.42 -0.62
N LEU B 93 8.45 5.69 0.15
CA LEU B 93 8.77 4.30 0.48
C LEU B 93 8.31 3.46 -0.71
N HIS B 94 8.88 2.24 -0.89
CA HIS B 94 8.42 1.36 -1.98
C HIS B 94 6.99 0.95 -1.64
N GLU B 95 6.04 1.15 -2.60
CA GLU B 95 4.61 0.87 -2.41
C GLU B 95 4.32 -0.54 -1.91
N ALA B 96 5.24 -1.49 -2.15
CA ALA B 96 5.03 -2.86 -1.73
C ALA B 96 5.73 -3.24 -0.45
N PHE B 97 6.34 -2.25 0.29
CA PHE B 97 7.05 -2.61 1.52
C PHE B 97 6.15 -3.32 2.51
N SER B 98 6.60 -4.49 2.99
CA SER B 98 5.85 -5.28 3.95
C SER B 98 6.51 -5.18 5.31
N PRO B 99 5.86 -4.53 6.29
CA PRO B 99 6.43 -4.50 7.64
C PRO B 99 6.53 -5.86 8.33
N VAL B 100 5.92 -6.91 7.77
CA VAL B 100 5.97 -8.25 8.35
C VAL B 100 7.18 -9.05 7.87
N SER B 101 7.41 -9.09 6.56
CA SER B 101 8.51 -9.86 5.98
C SER B 101 9.75 -9.03 5.59
N TYR B 102 9.61 -7.70 5.55
CA TYR B 102 10.62 -6.71 5.11
C TYR B 102 10.92 -6.80 3.62
N GLN B 103 10.06 -7.44 2.82
CA GLN B 103 10.25 -7.50 1.38
C GLN B 103 10.02 -6.09 0.82
N HIS B 104 10.76 -5.71 -0.21
CA HIS B 104 10.67 -4.41 -0.87
C HIS B 104 11.01 -3.30 0.13
N ASP B 105 12.11 -3.50 0.90
CA ASP B 105 12.56 -2.55 1.92
C ASP B 105 13.47 -1.49 1.32
N LEU B 106 12.89 -0.51 0.62
CA LEU B 106 13.67 0.60 0.09
C LEU B 106 12.85 1.89 0.05
N ALA B 107 13.53 3.03 0.20
CA ALA B 107 12.89 4.33 0.20
C ALA B 107 13.79 5.42 -0.40
N LEU B 108 13.21 6.41 -1.07
CA LEU B 108 13.96 7.53 -1.62
C LEU B 108 13.64 8.82 -0.86
N LEU B 109 14.66 9.61 -0.49
CA LEU B 109 14.42 10.88 0.16
C LEU B 109 14.81 11.94 -0.86
N ARG B 110 13.91 12.88 -1.15
CA ARG B 110 14.24 13.99 -2.02
C ARG B 110 14.74 15.12 -1.11
N LEU B 111 15.99 15.55 -1.31
CA LEU B 111 16.56 16.60 -0.50
C LEU B 111 16.00 17.96 -0.88
N GLN B 112 16.00 18.89 0.07
CA GLN B 112 15.48 20.23 -0.16
C GLN B 112 16.53 21.09 -0.85
N GLU B 113 16.23 21.53 -2.06
CA GLU B 113 17.14 22.40 -2.79
C GLU B 113 17.12 23.81 -2.22
N ASP B 114 18.21 24.54 -2.40
CA ASP B 114 18.28 25.93 -1.93
C ASP B 114 17.69 26.88 -2.98
N SER B 118 20.27 23.89 -5.91
CA SER B 118 21.26 22.87 -5.57
C SER B 118 20.98 22.19 -4.22
N CYS B 119 21.36 20.91 -4.09
CA CYS B 119 21.15 20.17 -2.85
C CYS B 119 22.56 19.84 -2.26
N ALA B 120 23.12 18.65 -2.52
CA ALA B 120 24.45 18.33 -2.05
C ALA B 120 25.47 19.00 -2.96
N LEU B 121 26.47 19.63 -2.36
CA LEU B 121 27.55 20.24 -3.13
C LEU B 121 28.69 19.23 -3.10
N LEU B 122 29.10 18.73 -4.27
CA LEU B 122 30.15 17.73 -4.33
C LEU B 122 31.49 18.29 -3.88
N SER B 123 32.20 17.48 -3.11
CA SER B 123 33.51 17.83 -2.60
C SER B 123 34.30 16.51 -2.44
N PRO B 124 35.58 16.52 -2.02
CA PRO B 124 36.27 15.25 -1.78
C PRO B 124 35.57 14.42 -0.68
N TYR B 125 34.82 15.05 0.24
CA TYR B 125 34.13 14.38 1.34
C TYR B 125 32.68 14.01 1.04
N VAL B 126 32.05 14.65 0.02
CA VAL B 126 30.66 14.39 -0.36
C VAL B 126 30.56 14.06 -1.84
N GLN B 127 30.28 12.79 -2.17
CA GLN B 127 30.21 12.33 -3.57
C GLN B 127 29.09 11.31 -3.70
N PRO B 128 28.34 11.31 -4.81
CA PRO B 128 27.31 10.26 -4.99
C PRO B 128 27.93 8.89 -5.23
N VAL B 129 27.25 7.83 -4.78
CA VAL B 129 27.72 6.45 -4.99
C VAL B 129 27.09 5.97 -6.32
N CYS B 130 27.79 5.11 -7.08
CA CYS B 130 27.20 4.58 -8.32
C CYS B 130 26.12 3.57 -8.02
N LEU B 131 25.16 3.42 -8.94
CA LEU B 131 24.13 2.40 -8.90
C LEU B 131 24.61 1.22 -9.78
N PRO B 132 24.17 -0.04 -9.53
CA PRO B 132 24.64 -1.16 -10.39
C PRO B 132 24.10 -1.11 -11.81
N SER B 133 24.68 -1.91 -12.70
CA SER B 133 24.22 -1.95 -14.10
C SER B 133 23.21 -3.11 -14.34
N LEU B 143 35.43 -7.70 -3.50
CA LEU B 143 35.71 -6.79 -2.39
C LEU B 143 34.48 -5.92 -2.06
N CYS B 144 33.66 -6.34 -1.08
CA CYS B 144 32.48 -5.57 -0.69
C CYS B 144 32.52 -5.13 0.78
N GLN B 145 31.98 -3.95 1.07
CA GLN B 145 32.01 -3.39 2.42
C GLN B 145 30.65 -2.93 2.93
N VAL B 146 30.38 -3.19 4.21
CA VAL B 146 29.17 -2.73 4.92
C VAL B 146 29.61 -1.55 5.81
N ALA B 147 28.82 -0.43 5.80
CA ALA B 147 29.21 0.72 6.63
C ALA B 147 28.07 1.25 7.50
N GLY B 148 28.41 1.87 8.62
CA GLY B 148 27.39 2.42 9.49
C GLY B 148 27.85 2.84 10.86
N TRP B 149 26.97 3.53 11.59
CA TRP B 149 27.28 3.97 12.93
C TRP B 149 26.56 3.12 14.00
N GLY B 150 26.03 1.94 13.63
CA GLY B 150 25.28 1.09 14.56
C GLY B 150 26.08 0.44 15.66
N HIS B 151 25.42 -0.45 16.43
CA HIS B 151 26.04 -1.17 17.55
C HIS B 151 27.22 -2.01 17.11
N GLN B 152 28.30 -1.95 17.86
CA GLN B 152 29.49 -2.72 17.54
C GLN B 152 29.42 -4.19 18.02
N PHE B 153 28.30 -4.57 18.66
CA PHE B 153 27.91 -5.92 19.11
C PHE B 153 26.44 -5.88 19.54
N GLU B 154 25.76 -7.03 19.46
CA GLU B 154 24.36 -7.10 19.88
C GLU B 154 24.29 -6.89 21.39
N GLY B 155 23.40 -6.01 21.82
CA GLY B 155 23.29 -5.68 23.24
C GLY B 155 24.09 -4.47 23.67
N ALA B 156 24.82 -3.81 22.75
CA ALA B 156 25.60 -2.60 23.11
C ALA B 156 24.64 -1.50 23.53
N GLU B 157 25.00 -0.75 24.57
CA GLU B 157 24.13 0.33 25.03
C GLU B 157 24.19 1.57 24.12
N GLU B 158 25.19 1.66 23.21
CA GLU B 158 25.31 2.84 22.35
C GLU B 158 25.73 2.57 20.91
N TYR B 159 25.38 3.50 20.01
CA TYR B 159 25.81 3.51 18.62
C TYR B 159 27.31 3.82 18.59
N ALA B 160 28.02 3.38 17.54
CA ALA B 160 29.44 3.70 17.40
C ALA B 160 29.62 5.23 17.27
N SER B 161 30.71 5.79 17.82
CA SER B 161 30.92 7.23 17.73
C SER B 161 31.45 7.56 16.35
N PHE B 162 32.46 6.81 15.88
CA PHE B 162 32.98 6.97 14.55
C PHE B 162 32.26 6.02 13.60
N LEU B 163 32.20 6.39 12.30
CA LEU B 163 31.71 5.52 11.25
C LEU B 163 32.56 4.21 11.22
N GLN B 164 31.91 3.05 11.00
CA GLN B 164 32.60 1.77 10.93
C GLN B 164 32.41 1.13 9.56
N GLU B 165 33.42 0.38 9.12
CA GLU B 165 33.44 -0.28 7.83
C GLU B 165 33.92 -1.70 8.04
N ALA B 166 33.32 -2.67 7.32
CA ALA B 166 33.75 -4.05 7.43
C ALA B 166 33.67 -4.70 6.08
N GLN B 167 34.59 -5.58 5.78
CA GLN B 167 34.58 -6.31 4.52
C GLN B 167 33.70 -7.57 4.65
N VAL B 168 32.74 -7.74 3.74
CA VAL B 168 31.84 -8.90 3.75
C VAL B 168 31.64 -9.37 2.31
N PRO B 169 31.67 -10.69 2.09
CA PRO B 169 31.44 -11.20 0.74
C PRO B 169 29.96 -11.50 0.49
N PHE B 170 29.58 -11.51 -0.78
CA PHE B 170 28.23 -11.88 -1.16
C PHE B 170 28.05 -13.37 -0.90
N LEU B 171 26.87 -13.74 -0.50
CA LEU B 171 26.52 -15.13 -0.32
C LEU B 171 25.46 -15.46 -1.36
N SER B 172 25.52 -16.65 -1.95
CA SER B 172 24.52 -17.05 -2.94
C SER B 172 23.16 -17.26 -2.29
N LEU B 173 22.10 -17.13 -3.08
CA LEU B 173 20.73 -17.35 -2.61
C LEU B 173 20.56 -18.77 -2.09
N GLU B 174 21.13 -19.77 -2.78
CA GLU B 174 21.04 -21.16 -2.33
C GLU B 174 21.64 -21.37 -0.93
N ARG B 175 22.75 -20.66 -0.61
CA ARG B 175 23.35 -20.79 0.70
C ARG B 175 22.59 -20.01 1.76
N CYS B 176 22.14 -18.76 1.49
CA CYS B 176 21.37 -17.98 2.50
C CYS B 176 19.97 -18.54 2.76
N SER B 177 19.35 -19.18 1.77
CA SER B 177 18.02 -19.75 1.95
C SER B 177 18.04 -21.22 2.42
N ALA B 178 19.17 -21.69 2.98
CA ALA B 178 19.24 -23.04 3.53
C ALA B 178 18.48 -23.00 4.87
N PRO B 179 17.78 -24.07 5.27
CA PRO B 179 17.01 -24.04 6.53
C PRO B 179 17.78 -23.65 7.79
N ASP B 180 19.09 -23.97 7.86
CA ASP B 180 19.86 -23.60 9.05
C ASP B 180 20.33 -22.14 9.03
N VAL B 181 20.24 -21.44 7.87
CA VAL B 181 20.59 -20.02 7.70
C VAL B 181 19.28 -19.18 7.81
N HIS B 182 18.70 -18.66 6.71
CA HIS B 182 17.45 -17.89 6.78
C HIS B 182 16.24 -18.60 6.17
N GLY B 183 16.45 -19.74 5.52
CA GLY B 183 15.39 -20.55 4.93
C GLY B 183 14.45 -19.79 4.00
N SER B 184 13.13 -19.88 4.30
CA SER B 184 12.05 -19.27 3.51
C SER B 184 11.84 -17.75 3.72
N SER B 185 12.64 -17.13 4.58
CA SER B 185 12.57 -15.70 4.85
C SER B 185 13.28 -14.85 3.76
N ILE B 186 14.12 -15.46 2.92
CA ILE B 186 14.82 -14.76 1.86
C ILE B 186 13.91 -14.71 0.64
N LEU B 187 13.43 -13.51 0.32
CA LEU B 187 12.45 -13.35 -0.74
C LEU B 187 13.00 -12.57 -1.93
N PRO B 188 12.36 -12.64 -3.13
CA PRO B 188 12.86 -11.85 -4.26
C PRO B 188 13.07 -10.37 -3.91
N GLY B 189 14.25 -9.86 -4.22
CA GLY B 189 14.60 -8.49 -3.85
C GLY B 189 15.57 -8.42 -2.69
N MET B 190 15.79 -9.54 -1.98
CA MET B 190 16.73 -9.61 -0.89
C MET B 190 18.04 -10.31 -1.36
N LEU B 191 19.12 -10.00 -0.67
CA LEU B 191 20.41 -10.65 -0.84
C LEU B 191 21.12 -10.71 0.50
N CYS B 192 22.03 -11.66 0.65
CA CYS B 192 22.80 -11.76 1.88
C CYS B 192 24.24 -11.51 1.59
N ALA B 193 24.90 -10.99 2.58
CA ALA B 193 26.32 -10.75 2.56
C ALA B 193 26.83 -11.00 3.95
N GLY B 194 28.04 -11.53 4.02
CA GLY B 194 28.67 -11.83 5.29
C GLY B 194 29.26 -13.22 5.34
N PHE B 195 29.44 -13.73 6.55
CA PHE B 195 30.10 -15.01 6.74
C PHE B 195 29.23 -15.94 7.53
N LEU B 196 29.18 -17.21 7.12
CA LEU B 196 28.44 -18.22 7.88
C LEU B 196 29.17 -18.55 9.20
N GLU B 197 30.47 -18.27 9.30
CA GLU B 197 31.22 -18.44 10.55
C GLU B 197 30.86 -17.36 11.59
N GLY B 198 30.36 -16.21 11.14
CA GLY B 198 29.99 -15.09 12.00
C GLY B 198 31.15 -14.13 12.23
N GLY B 199 30.99 -13.24 13.19
CA GLY B 199 32.00 -12.26 13.57
C GLY B 199 31.95 -10.89 12.92
N THR B 200 31.59 -10.84 11.63
CA THR B 200 31.60 -9.59 10.83
C THR B 200 30.25 -9.40 10.17
N ASP B 201 29.54 -8.33 10.51
CA ASP B 201 28.19 -8.13 10.01
C ASP B 201 27.64 -6.74 10.31
N ALA B 202 26.47 -6.43 9.77
CA ALA B 202 25.72 -5.24 10.15
C ALA B 202 25.05 -5.59 11.54
N CYS B 203 24.57 -4.56 12.25
CA CYS B 203 23.90 -4.74 13.53
C CYS B 203 22.81 -3.67 13.72
N GLN B 204 22.09 -3.67 14.86
CA GLN B 204 21.07 -2.67 15.17
C GLN B 204 21.68 -1.24 15.07
N GLY B 205 20.99 -0.34 14.37
CA GLY B 205 21.51 1.01 14.17
C GLY B 205 22.16 1.22 12.82
N ASP B 206 22.41 0.11 12.04
CA ASP B 206 22.97 0.22 10.70
C ASP B 206 21.90 0.30 9.59
N SER B 207 20.62 0.13 9.94
CA SER B 207 19.49 0.21 9.03
C SER B 207 19.61 1.32 7.94
N GLY B 208 19.32 0.95 6.71
CA GLY B 208 19.33 1.88 5.59
C GLY B 208 20.67 2.20 5.00
N GLY B 209 21.74 1.85 5.70
CA GLY B 209 23.08 2.12 5.27
C GLY B 209 23.52 1.29 4.09
N PRO B 210 24.76 1.46 3.69
CA PRO B 210 25.26 0.77 2.48
C PRO B 210 26.00 -0.54 2.59
N LEU B 211 25.90 -1.31 1.48
CA LEU B 211 26.71 -2.44 1.09
C LEU B 211 27.26 -2.00 -0.29
N VAL B 212 28.50 -1.50 -0.32
CA VAL B 212 29.17 -1.04 -1.55
C VAL B 212 30.25 -2.03 -2.01
N CYS B 213 30.45 -2.12 -3.30
CA CYS B 213 31.48 -2.99 -3.88
C CYS B 213 32.31 -2.13 -4.82
N GLU B 214 33.61 -2.43 -4.93
CA GLU B 214 34.44 -1.70 -5.87
C GLU B 214 34.21 -2.37 -7.23
N ASP B 215 33.78 -1.61 -8.24
CA ASP B 215 33.49 -2.17 -9.57
C ASP B 215 34.77 -2.29 -10.40
N GLN B 216 35.37 -3.49 -10.49
CA GLN B 216 36.60 -3.72 -11.28
C GLN B 216 36.43 -3.32 -12.76
N ALA B 217 35.23 -3.49 -13.31
CA ALA B 217 34.96 -3.12 -14.71
C ALA B 217 34.90 -1.59 -14.95
N ALA B 218 34.67 -0.81 -13.89
CA ALA B 218 34.55 0.63 -14.02
C ALA B 218 35.46 1.39 -13.04
N GLU B 219 36.79 1.19 -13.15
CA GLU B 219 37.83 1.86 -12.36
C GLU B 219 37.69 1.76 -10.84
N ARG B 220 37.21 0.61 -10.34
CA ARG B 220 36.99 0.34 -8.90
C ARG B 220 36.03 1.32 -8.21
N ARG B 221 35.15 1.98 -8.97
CA ARG B 221 34.19 2.92 -8.39
C ARG B 221 33.18 2.23 -7.45
N LEU B 222 32.91 2.87 -6.33
CA LEU B 222 31.98 2.38 -5.30
C LEU B 222 30.58 2.25 -5.90
N THR B 223 30.02 1.05 -5.81
CA THR B 223 28.71 0.74 -6.38
C THR B 223 27.87 0.15 -5.29
N LEU B 224 26.71 0.76 -5.04
CA LEU B 224 25.76 0.31 -4.03
C LEU B 224 25.07 -0.98 -4.50
N GLN B 225 25.31 -2.10 -3.79
CA GLN B 225 24.69 -3.37 -4.14
C GLN B 225 23.57 -3.79 -3.19
N GLY B 226 23.60 -3.31 -1.96
CA GLY B 226 22.60 -3.61 -0.96
C GLY B 226 22.38 -2.49 0.03
N ILE B 227 21.14 -2.42 0.58
CA ILE B 227 20.72 -1.52 1.62
C ILE B 227 20.54 -2.39 2.88
N ILE B 228 21.18 -2.02 4.02
CA ILE B 228 21.07 -2.80 5.26
C ILE B 228 19.61 -2.87 5.70
N SER B 229 19.05 -4.08 5.68
CA SER B 229 17.62 -4.26 5.96
C SER B 229 17.33 -4.97 7.29
N TRP B 230 17.77 -6.23 7.46
CA TRP B 230 17.44 -6.97 8.66
C TRP B 230 18.38 -8.14 8.90
N GLY B 231 18.33 -8.68 10.09
CA GLY B 231 19.09 -9.86 10.45
C GLY B 231 18.59 -10.54 11.71
N SER B 232 19.03 -11.77 11.94
CA SER B 232 18.72 -12.50 13.17
C SER B 232 20.01 -12.39 13.96
N GLY B 233 20.02 -11.51 14.94
CA GLY B 233 21.22 -11.21 15.71
C GLY B 233 22.22 -10.36 14.91
N CYS B 234 23.48 -10.28 15.42
CA CYS B 234 24.57 -9.53 14.78
C CYS B 234 25.82 -10.39 14.82
N GLY B 235 26.27 -10.89 13.67
CA GLY B 235 27.49 -11.68 13.62
C GLY B 235 27.36 -13.08 14.19
N ASP B 236 26.13 -13.60 14.27
CA ASP B 236 25.90 -14.95 14.74
C ASP B 236 26.32 -15.96 13.69
N ARG B 237 26.63 -17.19 14.10
CA ARG B 237 26.96 -18.26 13.17
C ARG B 237 25.69 -18.58 12.36
N ASN B 238 25.86 -18.77 11.04
CA ASN B 238 24.83 -19.09 10.08
C ASN B 238 23.75 -18.04 9.93
N LYS B 239 23.93 -16.84 10.49
CA LYS B 239 22.92 -15.79 10.37
C LYS B 239 23.54 -14.52 9.74
N PRO B 240 23.83 -14.53 8.43
CA PRO B 240 24.41 -13.32 7.81
C PRO B 240 23.39 -12.21 7.59
N GLY B 241 23.86 -10.97 7.45
CA GLY B 241 22.98 -9.83 7.24
C GLY B 241 22.19 -9.95 5.96
N VAL B 242 20.94 -9.45 5.97
CA VAL B 242 20.07 -9.46 4.80
C VAL B 242 19.92 -8.01 4.33
N TYR B 243 20.07 -7.79 3.04
CA TYR B 243 20.03 -6.48 2.42
C TYR B 243 19.00 -6.43 1.28
N THR B 244 18.57 -5.23 0.93
CA THR B 244 17.72 -5.04 -0.23
C THR B 244 18.68 -5.04 -1.43
N ASP B 245 18.39 -5.86 -2.44
CA ASP B 245 19.15 -6.03 -3.69
C ASP B 245 18.91 -4.79 -4.57
N VAL B 246 19.83 -3.83 -4.54
CA VAL B 246 19.67 -2.57 -5.26
C VAL B 246 19.43 -2.76 -6.75
N ALA B 247 20.20 -3.66 -7.38
CA ALA B 247 20.08 -3.95 -8.81
C ALA B 247 18.66 -4.44 -9.17
N TYR B 248 18.03 -5.26 -8.31
CA TYR B 248 16.68 -5.78 -8.49
C TYR B 248 15.64 -4.66 -8.63
N TYR B 249 15.89 -3.50 -7.96
CA TYR B 249 15.00 -2.36 -7.93
C TYR B 249 15.48 -1.16 -8.78
N LEU B 250 16.43 -1.39 -9.70
CA LEU B 250 17.00 -0.34 -10.55
C LEU B 250 15.97 0.49 -11.31
N ALA B 251 15.04 -0.14 -12.05
CA ALA B 251 14.04 0.59 -12.80
C ALA B 251 13.13 1.38 -11.85
N TRP B 252 12.73 0.82 -10.67
CA TRP B 252 11.93 1.57 -9.70
C TRP B 252 12.63 2.88 -9.28
N ILE B 253 13.94 2.76 -8.90
CA ILE B 253 14.74 3.90 -8.45
C ILE B 253 14.83 4.92 -9.58
N ARG B 254 15.14 4.47 -10.81
CA ARG B 254 15.27 5.37 -11.96
C ARG B 254 13.98 6.06 -12.32
N GLU B 255 12.84 5.37 -12.15
CA GLU B 255 11.52 5.92 -12.42
C GLU B 255 11.17 7.01 -11.39
N HIS B 256 11.40 6.74 -10.11
CA HIS B 256 11.05 7.68 -9.05
C HIS B 256 12.12 8.72 -8.70
N THR B 257 13.19 8.84 -9.52
CA THR B 257 14.21 9.87 -9.29
C THR B 257 14.35 10.80 -10.48
N VAL B 258 13.23 11.12 -11.14
CA VAL B 258 13.25 12.04 -12.27
C VAL B 258 13.11 13.50 -11.78
N SER C 2 -16.90 -3.53 -31.58
CA SER C 2 -15.91 -2.73 -30.87
C SER C 2 -15.13 -3.59 -29.87
N CYS C 3 -15.85 -4.46 -29.14
CA CYS C 3 -15.24 -5.34 -28.14
C CYS C 3 -16.08 -6.58 -28.00
N GLY C 4 -15.48 -7.63 -27.45
CA GLY C 4 -16.17 -8.87 -27.17
C GLY C 4 -16.48 -9.74 -28.37
N GLN C 5 -15.89 -9.41 -29.52
CA GLN C 5 -16.05 -10.20 -30.74
C GLN C 5 -15.34 -11.54 -30.57
N ARG C 6 -15.85 -12.58 -31.22
CA ARG C 6 -15.28 -13.92 -31.11
C ARG C 6 -15.37 -14.58 -32.47
N LEU C 7 -14.28 -15.19 -32.92
CA LEU C 7 -14.17 -15.81 -34.24
C LEU C 7 -14.79 -17.19 -34.38
N ARG C 8 -14.65 -18.03 -33.36
CA ARG C 8 -15.08 -19.42 -33.40
C ARG C 8 -15.41 -19.92 -32.03
N VAL C 17 -6.86 -25.43 -16.13
CA VAL C 17 -8.31 -25.57 -16.19
C VAL C 17 -8.61 -27.04 -16.18
N VAL C 18 -9.39 -27.47 -15.19
CA VAL C 18 -9.76 -28.86 -15.03
C VAL C 18 -11.12 -29.07 -15.68
N GLY C 19 -11.23 -30.13 -16.47
CA GLY C 19 -12.48 -30.48 -17.13
C GLY C 19 -12.86 -29.57 -18.27
N GLY C 20 -11.86 -28.97 -18.91
CA GLY C 20 -12.11 -28.09 -20.03
C GLY C 20 -11.85 -28.78 -21.35
N LEU C 21 -11.93 -28.01 -22.44
CA LEU C 21 -11.70 -28.49 -23.79
C LEU C 21 -10.78 -27.52 -24.47
N VAL C 22 -10.10 -27.93 -25.53
CA VAL C 22 -9.19 -27.04 -26.25
C VAL C 22 -9.93 -25.82 -26.81
N ALA C 23 -9.32 -24.63 -26.70
CA ALA C 23 -9.85 -23.37 -27.24
C ALA C 23 -8.88 -22.89 -28.30
N LEU C 24 -9.28 -22.98 -29.56
CA LEU C 24 -8.38 -22.63 -30.67
C LEU C 24 -8.28 -21.13 -30.93
N ARG C 25 -7.28 -20.70 -31.74
CA ARG C 25 -7.07 -19.27 -32.08
C ARG C 25 -8.36 -18.59 -32.54
N GLY C 26 -8.70 -17.48 -31.90
CA GLY C 26 -9.94 -16.77 -32.19
C GLY C 26 -11.09 -17.08 -31.24
N ALA C 27 -10.99 -18.14 -30.40
CA ALA C 27 -12.03 -18.48 -29.44
C ALA C 27 -12.07 -17.51 -28.27
N HIS C 28 -10.90 -17.01 -27.87
CA HIS C 28 -10.74 -16.02 -26.82
C HIS C 28 -9.71 -15.02 -27.36
N PRO C 29 -10.08 -14.19 -28.35
CA PRO C 29 -9.09 -13.29 -28.97
C PRO C 29 -8.47 -12.22 -28.08
N TYR C 30 -9.05 -11.99 -26.89
CA TYR C 30 -8.60 -11.00 -25.92
C TYR C 30 -7.52 -11.57 -24.96
N ILE C 31 -7.31 -12.90 -24.93
CA ILE C 31 -6.44 -13.49 -23.92
C ILE C 31 -4.97 -13.14 -24.18
N ALA C 32 -4.29 -12.75 -23.12
CA ALA C 32 -2.89 -12.36 -23.17
C ALA C 32 -2.10 -13.35 -22.34
N ALA C 33 -0.90 -13.70 -22.84
CA ALA C 33 -0.01 -14.58 -22.11
C ALA C 33 1.16 -13.70 -21.60
N LEU C 34 1.50 -13.76 -20.30
CA LEU C 34 2.56 -12.93 -19.69
C LEU C 34 3.74 -13.76 -19.23
N TYR C 35 4.92 -13.45 -19.75
CA TYR C 35 6.12 -14.21 -19.43
C TYR C 35 7.20 -13.38 -18.80
N TRP C 36 7.92 -13.96 -17.85
CA TRP C 36 9.09 -13.31 -17.24
C TRP C 36 9.85 -14.38 -16.46
N GLY C 37 11.17 -14.51 -16.70
CA GLY C 37 11.99 -15.54 -16.09
C GLY C 37 11.42 -16.94 -16.28
N HIS C 38 11.23 -17.67 -15.17
CA HIS C 38 10.56 -18.98 -15.24
C HIS C 38 9.08 -18.86 -14.79
N SER C 39 8.50 -17.64 -14.76
CA SER C 39 7.13 -17.39 -14.35
C SER C 39 6.16 -17.14 -15.50
N PHE C 40 4.89 -17.41 -15.25
CA PHE C 40 3.84 -17.24 -16.25
C PHE C 40 2.54 -16.77 -15.61
N CYS C 41 1.79 -15.95 -16.33
CA CYS C 41 0.44 -15.51 -15.99
C CYS C 41 -0.37 -15.25 -17.21
N ALA C 42 -1.68 -15.26 -17.08
CA ALA C 42 -2.57 -14.94 -18.18
C ALA C 42 -3.23 -13.57 -17.85
N GLY C 43 -3.85 -12.96 -18.83
CA GLY C 43 -4.55 -11.69 -18.67
C GLY C 43 -5.56 -11.49 -19.77
N SER C 44 -6.24 -10.34 -19.76
CA SER C 44 -7.22 -10.02 -20.79
C SER C 44 -6.98 -8.65 -21.37
N LEU C 45 -6.94 -8.55 -22.68
CA LEU C 45 -6.83 -7.26 -23.37
C LEU C 45 -8.18 -6.53 -23.23
N ILE C 46 -8.23 -5.41 -22.50
CA ILE C 46 -9.45 -4.62 -22.37
C ILE C 46 -9.45 -3.34 -23.27
N ALA C 47 -8.35 -3.07 -23.95
CA ALA C 47 -8.12 -1.93 -24.85
C ALA C 47 -6.80 -2.20 -25.59
N PRO C 48 -6.54 -1.57 -26.77
CA PRO C 48 -5.28 -1.86 -27.50
C PRO C 48 -3.98 -1.76 -26.70
N CYS C 49 -3.89 -0.86 -25.71
CA CYS C 49 -2.67 -0.71 -24.89
C CYS C 49 -2.83 -1.21 -23.46
N TRP C 50 -3.94 -1.92 -23.12
CA TRP C 50 -4.15 -2.33 -21.74
C TRP C 50 -4.52 -3.79 -21.55
N VAL C 51 -3.95 -4.42 -20.53
CA VAL C 51 -4.21 -5.81 -20.15
C VAL C 51 -4.57 -5.88 -18.66
N LEU C 52 -5.69 -6.51 -18.34
CA LEU C 52 -6.12 -6.67 -16.97
C LEU C 52 -5.67 -8.05 -16.51
N THR C 53 -4.93 -8.13 -15.41
CA THR C 53 -4.44 -9.38 -14.87
C THR C 53 -4.64 -9.43 -13.34
N ALA C 54 -4.13 -10.46 -12.65
CA ALA C 54 -4.26 -10.54 -11.18
C ALA C 54 -3.03 -9.84 -10.57
N ALA C 55 -3.20 -9.18 -9.43
CA ALA C 55 -2.08 -8.53 -8.74
C ALA C 55 -1.14 -9.53 -8.14
N HIS C 56 -1.64 -10.69 -7.66
CA HIS C 56 -0.78 -11.71 -7.03
C HIS C 56 0.33 -12.23 -7.95
N CYS C 57 0.12 -12.17 -9.27
CA CYS C 57 1.12 -12.59 -10.27
C CYS C 57 2.39 -11.74 -10.10
N LEU C 58 2.19 -10.44 -9.87
CA LEU C 58 3.22 -9.42 -9.87
C LEU C 58 3.61 -8.92 -8.50
N GLN C 59 3.36 -9.70 -7.43
CA GLN C 59 3.62 -9.21 -6.08
C GLN C 59 5.13 -9.10 -5.79
N ASP C 60 5.97 -9.97 -6.37
CA ASP C 60 7.42 -9.86 -6.18
C ASP C 60 8.04 -8.67 -6.96
N ARG C 61 7.23 -7.94 -7.71
CA ARG C 61 7.59 -6.75 -8.46
C ARG C 61 8.72 -6.93 -9.47
N PRO C 62 8.51 -7.74 -10.53
CA PRO C 62 9.54 -7.79 -11.60
C PRO C 62 9.59 -6.44 -12.33
N ALA C 63 10.74 -6.09 -12.92
CA ALA C 63 10.84 -4.82 -13.67
C ALA C 63 9.95 -4.91 -14.91
N PRO C 64 9.19 -3.85 -15.25
CA PRO C 64 8.37 -3.91 -16.48
C PRO C 64 9.14 -4.32 -17.75
N GLU C 65 10.45 -4.07 -17.76
CA GLU C 65 11.36 -4.40 -18.86
C GLU C 65 11.64 -5.92 -18.98
N ASP C 66 11.44 -6.68 -17.91
CA ASP C 66 11.63 -8.12 -17.92
C ASP C 66 10.40 -8.91 -18.41
N LEU C 67 9.25 -8.22 -18.62
CA LEU C 67 7.99 -8.84 -19.01
C LEU C 67 7.79 -8.85 -20.49
N THR C 68 7.14 -9.91 -20.97
CA THR C 68 6.75 -10.07 -22.36
C THR C 68 5.27 -10.43 -22.38
N VAL C 69 4.47 -9.73 -23.21
CA VAL C 69 3.06 -10.06 -23.38
C VAL C 69 2.86 -10.65 -24.79
N VAL C 70 2.21 -11.81 -24.91
CA VAL C 70 1.91 -12.38 -26.21
C VAL C 70 0.40 -12.46 -26.46
N LEU C 71 -0.09 -11.81 -27.53
CA LEU C 71 -1.49 -11.84 -27.94
C LEU C 71 -1.67 -12.78 -29.16
N GLY C 72 -2.82 -13.44 -29.23
CA GLY C 72 -3.11 -14.35 -30.35
C GLY C 72 -2.67 -15.78 -30.21
N GLN C 73 -2.17 -16.17 -29.02
CA GLN C 73 -1.67 -17.52 -28.79
C GLN C 73 -2.73 -18.59 -28.63
N GLU C 74 -2.38 -19.79 -29.09
CA GLU C 74 -3.19 -20.97 -28.98
C GLU C 74 -2.37 -21.94 -28.09
N ARG C 75 -1.18 -22.28 -28.54
CA ARG C 75 -0.24 -23.06 -27.77
C ARG C 75 0.75 -22.03 -27.15
N ARG C 76 1.02 -22.18 -25.86
CA ARG C 76 1.95 -21.31 -25.12
C ARG C 76 3.40 -21.44 -25.64
N ASN C 77 3.83 -22.70 -25.93
CA ASN C 77 5.18 -23.10 -26.35
C ASN C 77 5.49 -23.02 -27.84
N HIS C 78 4.64 -22.41 -28.66
CA HIS C 78 4.91 -22.31 -30.09
C HIS C 78 5.22 -20.87 -30.49
N SER C 79 6.26 -20.66 -31.29
CA SER C 79 6.51 -19.34 -31.87
C SER C 79 5.50 -19.24 -33.02
N CYS C 80 4.82 -18.11 -33.15
CA CYS C 80 3.77 -17.99 -34.15
C CYS C 80 3.83 -16.61 -34.86
N GLU C 81 3.89 -16.63 -36.19
CA GLU C 81 4.05 -15.44 -37.02
C GLU C 81 2.95 -14.38 -36.78
N PRO C 82 1.62 -14.71 -36.80
CA PRO C 82 0.62 -13.67 -36.52
C PRO C 82 0.43 -13.30 -35.04
N CYS C 83 1.10 -13.99 -34.11
CA CYS C 83 1.02 -13.65 -32.69
C CYS C 83 1.74 -12.31 -32.42
N GLN C 84 1.26 -11.51 -31.46
CA GLN C 84 1.89 -10.22 -31.19
C GLN C 84 2.66 -10.20 -29.90
N THR C 85 3.96 -10.00 -29.98
CA THR C 85 4.82 -9.95 -28.80
C THR C 85 5.02 -8.47 -28.48
N LEU C 86 4.63 -8.06 -27.28
CA LEU C 86 4.73 -6.67 -26.87
C LEU C 86 5.46 -6.54 -25.57
N ALA C 87 6.20 -5.45 -25.44
CA ALA C 87 6.88 -5.12 -24.20
C ALA C 87 5.87 -4.40 -23.25
N VAL C 88 6.21 -4.36 -21.95
CA VAL C 88 5.35 -3.73 -20.97
C VAL C 88 6.02 -2.43 -20.56
N ARG C 89 5.33 -1.32 -20.76
CA ARG C 89 5.85 -0.01 -20.43
C ARG C 89 5.82 0.16 -18.90
N SER C 90 4.71 -0.19 -18.28
CA SER C 90 4.55 -0.06 -16.83
C SER C 90 3.37 -0.89 -16.36
N TYR C 91 3.22 -1.04 -15.05
CA TYR C 91 2.06 -1.78 -14.53
C TYR C 91 1.60 -1.21 -13.20
N ARG C 92 0.35 -1.44 -12.85
CA ARG C 92 -0.21 -0.94 -11.60
C ARG C 92 -1.01 -1.99 -10.92
N LEU C 93 -0.56 -2.42 -9.75
CA LEU C 93 -1.33 -3.39 -8.97
C LEU C 93 -2.33 -2.55 -8.21
N HIS C 94 -3.49 -3.14 -7.79
CA HIS C 94 -4.45 -2.35 -7.00
C HIS C 94 -3.79 -2.02 -5.65
N GLU C 95 -3.74 -0.73 -5.30
CA GLU C 95 -3.09 -0.23 -4.09
C GLU C 95 -3.50 -0.96 -2.82
N ALA C 96 -4.69 -1.59 -2.81
CA ALA C 96 -5.17 -2.30 -1.62
C ALA C 96 -4.96 -3.80 -1.67
N PHE C 97 -4.21 -4.34 -2.67
CA PHE C 97 -4.03 -5.79 -2.75
C PHE C 97 -3.42 -6.35 -1.49
N SER C 98 -4.06 -7.38 -0.93
CA SER C 98 -3.56 -8.03 0.27
C SER C 98 -2.98 -9.37 -0.07
N PRO C 99 -1.66 -9.56 0.08
CA PRO C 99 -1.08 -10.88 -0.18
C PRO C 99 -1.54 -11.99 0.79
N VAL C 100 -2.23 -11.63 1.89
CA VAL C 100 -2.70 -12.61 2.86
C VAL C 100 -4.09 -13.12 2.52
N SER C 101 -5.03 -12.23 2.23
CA SER C 101 -6.42 -12.63 1.93
C SER C 101 -6.77 -12.67 0.42
N TYR C 102 -5.92 -12.08 -0.42
CA TYR C 102 -6.09 -11.91 -1.88
C TYR C 102 -7.22 -10.93 -2.23
N GLN C 103 -7.66 -10.10 -1.29
CA GLN C 103 -8.69 -9.11 -1.57
C GLN C 103 -8.06 -8.03 -2.48
N HIS C 104 -8.84 -7.47 -3.40
CA HIS C 104 -8.39 -6.46 -4.34
C HIS C 104 -7.27 -7.00 -5.22
N ASP C 105 -7.46 -8.24 -5.73
CA ASP C 105 -6.48 -8.92 -6.60
C ASP C 105 -6.67 -8.53 -8.07
N LEU C 106 -6.28 -7.32 -8.44
CA LEU C 106 -6.33 -6.89 -9.84
C LEU C 106 -5.17 -5.97 -10.19
N ALA C 107 -4.68 -6.08 -11.44
CA ALA C 107 -3.56 -5.28 -11.90
C ALA C 107 -3.72 -4.88 -13.37
N LEU C 108 -3.24 -3.70 -13.74
CA LEU C 108 -3.29 -3.25 -15.13
C LEU C 108 -1.86 -3.22 -15.70
N LEU C 109 -1.65 -3.73 -16.92
CA LEU C 109 -0.35 -3.64 -17.58
C LEU C 109 -0.54 -2.65 -18.71
N ARG C 110 0.31 -1.64 -18.79
CA ARG C 110 0.28 -0.72 -19.91
C ARG C 110 1.29 -1.27 -20.93
N LEU C 111 0.81 -1.59 -22.12
CA LEU C 111 1.67 -2.14 -23.16
C LEU C 111 2.53 -1.04 -23.76
N GLN C 112 3.69 -1.43 -24.29
CA GLN C 112 4.61 -0.49 -24.90
C GLN C 112 4.18 -0.16 -26.31
N GLU C 113 3.85 1.10 -26.55
CA GLU C 113 3.46 1.56 -27.87
C GLU C 113 4.69 1.72 -28.75
N ASP C 114 4.50 1.62 -30.07
CA ASP C 114 5.61 1.82 -31.00
C ASP C 114 5.78 3.34 -31.28
N ALA C 115 6.65 3.72 -32.21
CA ALA C 115 6.89 5.12 -32.57
C ALA C 115 5.58 5.88 -32.90
N ASP C 116 4.65 5.19 -33.60
CA ASP C 116 3.37 5.74 -34.05
C ASP C 116 2.25 5.76 -32.99
N GLY C 117 2.50 5.18 -31.83
CA GLY C 117 1.53 5.17 -30.74
C GLY C 117 0.58 4.00 -30.71
N SER C 118 0.88 2.94 -31.48
CA SER C 118 0.02 1.75 -31.47
C SER C 118 0.61 0.61 -30.64
N CYS C 119 -0.27 -0.18 -29.99
CA CYS C 119 0.14 -1.32 -29.18
C CYS C 119 -0.40 -2.60 -29.87
N ALA C 120 -1.56 -3.13 -29.47
CA ALA C 120 -2.12 -4.30 -30.13
C ALA C 120 -2.77 -3.85 -31.42
N LEU C 121 -2.53 -4.60 -32.49
CA LEU C 121 -3.16 -4.34 -33.77
C LEU C 121 -4.33 -5.32 -33.87
N LEU C 122 -5.55 -4.80 -33.99
CA LEU C 122 -6.73 -5.65 -33.97
C LEU C 122 -6.90 -6.41 -35.27
N SER C 123 -7.28 -7.67 -35.12
CA SER C 123 -7.48 -8.63 -36.20
C SER C 123 -8.56 -9.66 -35.74
N PRO C 124 -9.00 -10.62 -36.60
CA PRO C 124 -9.97 -11.63 -36.12
C PRO C 124 -9.42 -12.44 -34.94
N TYR C 125 -8.11 -12.47 -34.75
CA TYR C 125 -7.49 -13.26 -33.69
C TYR C 125 -7.12 -12.47 -32.45
N VAL C 126 -6.99 -11.13 -32.57
CA VAL C 126 -6.66 -10.25 -31.46
C VAL C 126 -7.73 -9.16 -31.34
N GLN C 127 -8.57 -9.25 -30.30
CA GLN C 127 -9.68 -8.31 -30.09
C GLN C 127 -9.82 -8.00 -28.61
N PRO C 128 -10.15 -6.76 -28.22
CA PRO C 128 -10.38 -6.48 -26.79
C PRO C 128 -11.68 -7.11 -26.29
N VAL C 129 -11.70 -7.51 -25.02
CA VAL C 129 -12.91 -8.09 -24.40
C VAL C 129 -13.71 -6.91 -23.79
N CYS C 130 -15.04 -7.01 -23.74
CA CYS C 130 -15.87 -5.94 -23.15
C CYS C 130 -15.78 -5.93 -21.65
N LEU C 131 -15.90 -4.74 -21.04
CA LEU C 131 -16.00 -4.61 -19.60
C LEU C 131 -17.50 -4.62 -19.22
N PRO C 132 -17.88 -5.13 -18.02
CA PRO C 132 -19.32 -5.13 -17.66
C PRO C 132 -19.92 -3.75 -17.48
N SER C 133 -21.24 -3.68 -17.31
CA SER C 133 -21.98 -2.41 -17.11
C SER C 133 -22.15 -2.09 -15.61
N LEU C 143 -24.38 -17.87 -19.85
CA LEU C 143 -23.36 -18.67 -20.52
C LEU C 143 -21.93 -18.11 -20.25
N CYS C 144 -21.22 -18.70 -19.28
CA CYS C 144 -19.89 -18.18 -18.91
C CYS C 144 -18.80 -19.26 -18.97
N GLN C 145 -17.55 -18.84 -19.26
CA GLN C 145 -16.40 -19.75 -19.37
C GLN C 145 -15.12 -19.19 -18.68
N VAL C 146 -14.30 -20.08 -18.15
CA VAL C 146 -13.00 -19.80 -17.57
C VAL C 146 -12.00 -20.31 -18.63
N ALA C 147 -10.94 -19.53 -18.98
CA ALA C 147 -9.93 -20.01 -19.95
C ALA C 147 -8.50 -19.90 -19.40
N GLY C 148 -7.61 -20.79 -19.82
CA GLY C 148 -6.25 -20.77 -19.35
C GLY C 148 -5.36 -21.92 -19.80
N TRP C 149 -4.07 -21.74 -19.59
CA TRP C 149 -3.08 -22.75 -19.91
C TRP C 149 -2.56 -23.44 -18.66
N GLY C 150 -3.24 -23.34 -17.52
CA GLY C 150 -2.77 -23.95 -16.29
C GLY C 150 -2.87 -25.44 -16.25
N HIS C 151 -2.57 -26.04 -15.07
CA HIS C 151 -2.66 -27.47 -14.83
C HIS C 151 -4.04 -28.03 -15.13
N GLN C 152 -4.10 -29.15 -15.85
CA GLN C 152 -5.37 -29.79 -16.19
C GLN C 152 -5.94 -30.67 -15.05
N PHE C 153 -5.23 -30.73 -13.91
CA PHE C 153 -5.57 -31.37 -12.63
C PHE C 153 -4.56 -30.94 -11.58
N GLU C 154 -4.96 -30.95 -10.30
CA GLU C 154 -4.05 -30.59 -9.20
C GLU C 154 -2.96 -31.66 -9.12
N GLY C 155 -1.72 -31.22 -9.06
CA GLY C 155 -0.58 -32.13 -9.03
C GLY C 155 0.02 -32.44 -10.40
N ALA C 156 -0.52 -31.84 -11.50
CA ALA C 156 0.04 -32.09 -12.83
C ALA C 156 1.43 -31.54 -12.91
N GLU C 157 2.35 -32.26 -13.56
CA GLU C 157 3.73 -31.78 -13.64
C GLU C 157 3.90 -30.63 -14.64
N GLU C 158 2.93 -30.43 -15.56
CA GLU C 158 3.06 -29.39 -16.58
C GLU C 158 1.81 -28.55 -16.86
N TYR C 159 2.00 -27.33 -17.38
CA TYR C 159 0.94 -26.46 -17.86
C TYR C 159 0.37 -27.09 -19.15
N ALA C 160 -0.90 -26.80 -19.47
CA ALA C 160 -1.50 -27.29 -20.71
C ALA C 160 -0.75 -26.67 -21.92
N SER C 161 -0.58 -27.47 -22.99
CA SER C 161 0.10 -26.98 -24.19
C SER C 161 -0.86 -26.09 -24.96
N PHE C 162 -2.09 -26.56 -25.20
CA PHE C 162 -3.09 -25.76 -25.87
C PHE C 162 -3.88 -24.98 -24.82
N LEU C 163 -4.44 -23.82 -25.21
CA LEU C 163 -5.36 -23.09 -24.33
C LEU C 163 -6.61 -23.95 -24.06
N GLN C 164 -7.15 -23.87 -22.83
CA GLN C 164 -8.30 -24.67 -22.45
C GLN C 164 -9.43 -23.75 -22.03
N GLU C 165 -10.68 -24.19 -22.21
CA GLU C 165 -11.81 -23.40 -21.79
C GLU C 165 -12.86 -24.30 -21.20
N ALA C 166 -13.49 -23.85 -20.12
CA ALA C 166 -14.55 -24.64 -19.49
C ALA C 166 -15.73 -23.76 -19.11
N GLN C 167 -16.94 -24.29 -19.25
CA GLN C 167 -18.15 -23.58 -18.88
C GLN C 167 -18.41 -23.73 -17.37
N VAL C 168 -18.61 -22.60 -16.67
CA VAL C 168 -18.86 -22.58 -15.24
C VAL C 168 -19.95 -21.55 -14.93
N PRO C 169 -20.88 -21.88 -14.05
CA PRO C 169 -21.92 -20.91 -13.69
C PRO C 169 -21.49 -20.06 -12.50
N PHE C 170 -22.11 -18.87 -12.38
CA PHE C 170 -21.88 -18.02 -11.21
C PHE C 170 -22.53 -18.67 -10.03
N LEU C 171 -21.90 -18.52 -8.88
CA LEU C 171 -22.46 -18.98 -7.64
C LEU C 171 -22.75 -17.74 -6.80
N SER C 172 -23.88 -17.72 -6.10
CA SER C 172 -24.23 -16.58 -5.27
C SER C 172 -23.28 -16.49 -4.08
N LEU C 173 -23.13 -15.26 -3.53
CA LEU C 173 -22.30 -14.99 -2.37
C LEU C 173 -22.80 -15.80 -1.18
N GLU C 174 -24.14 -15.91 -0.97
CA GLU C 174 -24.67 -16.71 0.13
C GLU C 174 -24.24 -18.18 0.06
N ARG C 175 -24.18 -18.76 -1.15
CA ARG C 175 -23.76 -20.15 -1.28
C ARG C 175 -22.27 -20.31 -1.14
N CYS C 176 -21.48 -19.48 -1.82
CA CYS C 176 -20.03 -19.69 -1.78
C CYS C 176 -19.36 -19.19 -0.48
N SER C 177 -20.08 -18.40 0.33
CA SER C 177 -19.57 -17.99 1.64
C SER C 177 -20.10 -18.89 2.79
N ALA C 178 -20.76 -20.02 2.48
CA ALA C 178 -21.24 -20.96 3.49
C ALA C 178 -20.03 -21.60 4.20
N PRO C 179 -20.16 -22.03 5.47
CA PRO C 179 -19.01 -22.62 6.18
C PRO C 179 -18.35 -23.83 5.51
N ASP C 180 -19.13 -24.69 4.82
CA ASP C 180 -18.52 -25.86 4.16
C ASP C 180 -17.89 -25.51 2.79
N VAL C 181 -18.19 -24.30 2.24
CA VAL C 181 -17.61 -23.86 0.97
C VAL C 181 -16.34 -23.00 1.30
N HIS C 182 -16.38 -21.66 1.22
CA HIS C 182 -15.22 -20.81 1.51
C HIS C 182 -15.35 -19.99 2.79
N GLY C 183 -16.55 -19.96 3.38
CA GLY C 183 -16.80 -19.25 4.62
C GLY C 183 -16.47 -17.78 4.56
N SER C 184 -15.76 -17.30 5.61
CA SER C 184 -15.37 -15.90 5.81
C SER C 184 -14.21 -15.40 4.90
N SER C 185 -13.69 -16.28 4.03
CA SER C 185 -12.63 -15.91 3.10
C SER C 185 -13.15 -15.12 1.86
N ILE C 186 -14.47 -15.13 1.61
CA ILE C 186 -15.06 -14.42 0.48
C ILE C 186 -15.33 -13.00 0.91
N LEU C 187 -14.56 -12.06 0.35
CA LEU C 187 -14.62 -10.67 0.75
C LEU C 187 -15.16 -9.76 -0.34
N PRO C 188 -15.63 -8.54 -0.01
CA PRO C 188 -16.09 -7.62 -1.08
C PRO C 188 -15.08 -7.47 -2.21
N GLY C 189 -15.53 -7.66 -3.43
CA GLY C 189 -14.67 -7.63 -4.60
C GLY C 189 -14.40 -9.02 -5.16
N MET C 190 -14.77 -10.08 -4.43
CA MET C 190 -14.60 -11.44 -4.88
C MET C 190 -15.95 -12.03 -5.34
N LEU C 191 -15.86 -13.02 -6.22
CA LEU C 191 -17.00 -13.79 -6.68
C LEU C 191 -16.59 -15.21 -6.90
N CYS C 192 -17.53 -16.14 -6.82
CA CYS C 192 -17.26 -17.54 -7.03
C CYS C 192 -18.00 -17.99 -8.28
N ALA C 193 -17.36 -18.87 -9.04
CA ALA C 193 -17.94 -19.48 -10.22
C ALA C 193 -17.49 -20.95 -10.23
N GLY C 194 -18.37 -21.81 -10.70
CA GLY C 194 -18.08 -23.23 -10.77
C GLY C 194 -19.19 -24.09 -10.21
N PHE C 195 -18.83 -25.31 -9.83
CA PHE C 195 -19.83 -26.26 -9.35
C PHE C 195 -19.46 -26.75 -7.98
N LEU C 196 -20.45 -26.86 -7.09
CA LEU C 196 -20.21 -27.45 -5.77
C LEU C 196 -19.96 -28.95 -5.87
N GLU C 197 -20.38 -29.61 -6.96
CA GLU C 197 -20.09 -31.02 -7.20
C GLU C 197 -18.61 -31.26 -7.59
N GLY C 198 -17.95 -30.22 -8.12
CA GLY C 198 -16.56 -30.31 -8.55
C GLY C 198 -16.40 -30.74 -9.99
N GLY C 199 -15.17 -31.07 -10.39
CA GLY C 199 -14.84 -31.53 -11.72
C GLY C 199 -14.41 -30.49 -12.75
N THR C 200 -15.00 -29.28 -12.72
CA THR C 200 -14.76 -28.21 -13.69
C THR C 200 -14.39 -26.94 -12.97
N ASP C 201 -13.17 -26.45 -13.18
CA ASP C 201 -12.69 -25.30 -12.42
C ASP C 201 -11.38 -24.73 -13.00
N ALA C 202 -10.94 -23.59 -12.46
CA ALA C 202 -9.60 -23.08 -12.75
C ALA C 202 -8.63 -23.92 -11.86
N CYS C 203 -7.33 -23.85 -12.16
CA CYS C 203 -6.31 -24.55 -11.39
C CYS C 203 -5.01 -23.72 -11.38
N GLN C 204 -3.95 -24.20 -10.69
CA GLN C 204 -2.64 -23.55 -10.65
C GLN C 204 -2.12 -23.29 -12.09
N GLY C 205 -1.66 -22.08 -12.36
CA GLY C 205 -1.21 -21.70 -13.68
C GLY C 205 -2.24 -20.91 -14.46
N ASP C 206 -3.52 -20.85 -13.97
CA ASP C 206 -4.58 -20.06 -14.62
C ASP C 206 -4.66 -18.62 -14.11
N SER C 207 -3.82 -18.26 -13.13
CA SER C 207 -3.75 -16.94 -12.51
C SER C 207 -3.86 -15.76 -13.47
N GLY C 208 -4.77 -14.85 -13.15
CA GLY C 208 -4.93 -13.65 -13.94
C GLY C 208 -5.77 -13.76 -15.19
N GLY C 209 -6.09 -14.99 -15.60
CA GLY C 209 -6.87 -15.23 -16.78
C GLY C 209 -8.33 -14.85 -16.65
N PRO C 210 -9.10 -15.07 -17.70
CA PRO C 210 -10.49 -14.63 -17.70
C PRO C 210 -11.59 -15.59 -17.26
N LEU C 211 -12.68 -14.98 -16.81
CA LEU C 211 -13.99 -15.58 -16.55
C LEU C 211 -14.87 -14.67 -17.42
N VAL C 212 -15.26 -15.14 -18.63
CA VAL C 212 -16.03 -14.34 -19.60
C VAL C 212 -17.42 -14.89 -19.82
N CYS C 213 -18.34 -13.98 -20.07
CA CYS C 213 -19.74 -14.35 -20.31
C CYS C 213 -20.18 -13.79 -21.65
N GLU C 214 -21.16 -14.42 -22.27
CA GLU C 214 -21.73 -13.87 -23.48
C GLU C 214 -22.89 -12.96 -23.02
N ASP C 215 -22.88 -11.69 -23.41
CA ASP C 215 -23.89 -10.75 -22.97
C ASP C 215 -25.07 -10.78 -23.90
N GLN C 216 -26.16 -11.46 -23.50
CA GLN C 216 -27.39 -11.57 -24.30
C GLN C 216 -27.95 -10.18 -24.65
N ALA C 217 -27.73 -9.17 -23.76
CA ALA C 217 -28.24 -7.82 -24.00
C ALA C 217 -27.49 -7.06 -25.10
N ALA C 218 -26.24 -7.47 -25.38
CA ALA C 218 -25.45 -6.79 -26.40
C ALA C 218 -24.83 -7.76 -27.42
N GLU C 219 -25.68 -8.46 -28.18
CA GLU C 219 -25.31 -9.39 -29.25
C GLU C 219 -24.33 -10.51 -28.86
N ARG C 220 -24.47 -11.05 -27.65
CA ARG C 220 -23.64 -12.14 -27.10
C ARG C 220 -22.15 -11.81 -27.02
N ARG C 221 -21.79 -10.50 -26.97
CA ARG C 221 -20.39 -10.09 -26.88
C ARG C 221 -19.73 -10.52 -25.58
N LEU C 222 -18.51 -11.07 -25.69
CA LEU C 222 -17.68 -11.55 -24.59
C LEU C 222 -17.38 -10.41 -23.62
N THR C 223 -17.81 -10.59 -22.35
CA THR C 223 -17.69 -9.58 -21.32
C THR C 223 -16.96 -10.19 -20.15
N LEU C 224 -15.88 -9.52 -19.72
CA LEU C 224 -15.05 -9.96 -18.63
C LEU C 224 -15.77 -9.76 -17.30
N GLN C 225 -16.17 -10.85 -16.64
CA GLN C 225 -16.84 -10.73 -15.34
C GLN C 225 -15.92 -11.03 -14.17
N GLY C 226 -14.87 -11.81 -14.40
CA GLY C 226 -13.94 -12.20 -13.37
C GLY C 226 -12.50 -12.40 -13.82
N ILE C 227 -11.56 -12.30 -12.86
CA ILE C 227 -10.14 -12.55 -13.05
C ILE C 227 -9.79 -13.73 -12.12
N ILE C 228 -9.19 -14.81 -12.68
CA ILE C 228 -8.83 -16.00 -11.89
C ILE C 228 -7.87 -15.62 -10.78
N SER C 229 -8.33 -15.76 -9.53
CA SER C 229 -7.56 -15.30 -8.38
C SER C 229 -7.01 -16.43 -7.49
N TRP C 230 -7.89 -17.25 -6.87
CA TRP C 230 -7.44 -18.28 -5.95
C TRP C 230 -8.45 -19.37 -5.75
N GLY C 231 -8.03 -20.46 -5.16
CA GLY C 231 -8.92 -21.57 -4.82
C GLY C 231 -8.29 -22.54 -3.84
N SER C 232 -9.10 -23.39 -3.24
CA SER C 232 -8.62 -24.44 -2.35
C SER C 232 -8.70 -25.69 -3.22
N GLY C 233 -7.56 -26.14 -3.73
CA GLY C 233 -7.52 -27.24 -4.67
C GLY C 233 -8.00 -26.82 -6.06
N CYS C 234 -8.27 -27.82 -6.94
CA CYS C 234 -8.74 -27.62 -8.31
C CYS C 234 -9.87 -28.62 -8.58
N GLY C 235 -11.09 -28.15 -8.70
CA GLY C 235 -12.22 -29.02 -9.00
C GLY C 235 -12.67 -29.90 -7.84
N ASP C 236 -12.32 -29.52 -6.61
CA ASP C 236 -12.73 -30.26 -5.42
C ASP C 236 -14.20 -30.02 -5.14
N ARG C 237 -14.84 -30.96 -4.43
CA ARG C 237 -16.23 -30.78 -4.04
C ARG C 237 -16.29 -29.61 -3.03
N ASN C 238 -17.30 -28.76 -3.18
CA ASN C 238 -17.58 -27.59 -2.34
C ASN C 238 -16.49 -26.53 -2.37
N LYS C 239 -15.50 -26.62 -3.27
CA LYS C 239 -14.44 -25.63 -3.33
C LYS C 239 -14.35 -25.00 -4.71
N PRO C 240 -15.31 -24.17 -5.12
CA PRO C 240 -15.26 -23.56 -6.46
C PRO C 240 -14.20 -22.45 -6.55
N GLY C 241 -13.78 -22.12 -7.76
CA GLY C 241 -12.79 -21.08 -7.98
C GLY C 241 -13.27 -19.72 -7.52
N VAL C 242 -12.34 -18.91 -6.99
CA VAL C 242 -12.64 -17.56 -6.53
C VAL C 242 -11.97 -16.58 -7.51
N TYR C 243 -12.71 -15.57 -7.92
CA TYR C 243 -12.30 -14.58 -8.91
C TYR C 243 -12.44 -13.16 -8.38
N THR C 244 -11.74 -12.23 -9.01
CA THR C 244 -11.91 -10.82 -8.73
C THR C 244 -13.14 -10.39 -9.56
N ASP C 245 -14.13 -9.76 -8.91
CA ASP C 245 -15.36 -9.25 -9.49
C ASP C 245 -15.04 -7.97 -10.29
N VAL C 246 -14.88 -8.09 -11.60
CA VAL C 246 -14.49 -6.96 -12.44
C VAL C 246 -15.44 -5.78 -12.35
N ALA C 247 -16.75 -6.03 -12.33
CA ALA C 247 -17.76 -4.95 -12.23
C ALA C 247 -17.56 -4.11 -10.97
N TYR C 248 -17.22 -4.75 -9.84
CA TYR C 248 -16.94 -4.12 -8.55
C TYR C 248 -15.82 -3.06 -8.65
N TYR C 249 -14.85 -3.29 -9.55
CA TYR C 249 -13.69 -2.43 -9.72
C TYR C 249 -13.72 -1.57 -11.02
N LEU C 250 -14.90 -1.44 -11.66
CA LEU C 250 -15.07 -0.70 -12.90
C LEU C 250 -14.50 0.72 -12.89
N ALA C 251 -14.89 1.55 -11.90
CA ALA C 251 -14.39 2.92 -11.81
C ALA C 251 -12.87 2.93 -11.62
N TRP C 252 -12.30 2.02 -10.82
CA TRP C 252 -10.83 1.97 -10.65
C TRP C 252 -10.13 1.69 -11.99
N ILE C 253 -10.67 0.73 -12.78
CA ILE C 253 -10.15 0.32 -14.08
C ILE C 253 -10.26 1.47 -15.06
N ARG C 254 -11.38 2.20 -15.04
CA ARG C 254 -11.59 3.34 -15.96
C ARG C 254 -10.72 4.53 -15.59
N GLU C 255 -10.48 4.73 -14.29
CA GLU C 255 -9.64 5.83 -13.79
C GLU C 255 -8.18 5.57 -14.16
N HIS C 256 -7.69 4.34 -13.94
CA HIS C 256 -6.30 4.02 -14.18
C HIS C 256 -5.97 3.59 -15.62
N THR C 257 -6.93 3.71 -16.57
CA THR C 257 -6.65 3.38 -18.00
C THR C 257 -6.84 4.62 -18.90
N VAL C 258 -6.50 5.81 -18.42
CA VAL C 258 -6.61 7.03 -19.23
C VAL C 258 -5.36 7.24 -20.08
C2 UJA D . -13.95 -0.43 13.08
N1 UJA D . -15.13 -1.29 12.89
C3 UJA D . -15.27 -2.58 13.59
C4 UJA D . -13.61 -0.32 14.56
C5 UJA D . -14.09 -2.84 14.51
N6 UJA D . -13.60 -1.63 15.21
C7 UJA D . -14.67 0.51 15.27
N8 UJA D . -14.35 1.84 15.40
O9 UJA D . -15.70 0.03 15.72
C10 UJA D . -15.25 2.73 16.11
C11 UJA D . -14.94 2.71 17.54
S12 UJA D . -15.51 1.40 18.52
C13 UJA D . -14.80 2.06 19.94
C14 UJA D . -14.13 3.23 19.67
C15 UJA D . -14.21 3.61 18.30
C16 UJA D . -13.02 -1.68 16.46
C17 UJA D . -12.76 -3.05 17.05
O18 UJA D . -12.76 -0.69 17.14
C19 UJA D . -11.27 -3.17 17.31
N20 UJA D . -13.47 -3.15 18.37
C21 UJA D . -10.42 -3.12 16.04
C22 UJA D . -14.90 -2.67 18.37
C23 UJA D . -8.95 -2.92 16.41
C24 UJA D . -8.00 -2.99 15.23
C25 UJA D . -8.23 -4.23 14.38
C26 UJA D . -9.69 -4.40 13.97
C27 UJA D . -10.60 -4.38 15.19
C28 UJA D . -15.35 -2.41 19.80
C29 UJA D . -16.78 -1.93 19.84
C30 UJA D . -17.73 -2.91 19.19
C31 UJA D . -17.28 -3.24 17.77
C32 UJA D . -15.82 -3.70 17.73
C33 UJA D . -16.09 -0.92 11.99
N34 UJA D . -17.23 -1.50 11.71
C35 UJA D . -17.79 -0.70 10.75
C36 UJA D . -16.96 0.36 10.49
O37 UJA D . -15.85 0.22 11.28
C38 UJA D . -18.99 -0.81 10.09
C39 UJA D . -19.28 0.19 9.17
C40 UJA D . -18.41 1.23 8.93
C41 UJA D . -17.21 1.37 9.59
CL4 UJA D . -20.80 0.10 8.32
S SO4 E . -33.36 25.45 16.46
O1 SO4 E . -32.44 24.46 15.97
O2 SO4 E . -32.96 25.77 17.78
O3 SO4 E . -34.71 24.98 16.43
O4 SO4 E . -33.31 26.64 15.63
C2 UJA F . 14.90 -2.98 11.84
N1 UJA F . 14.84 -2.56 13.24
C3 UJA F . 14.34 -3.48 14.26
C4 UJA F . 15.73 -4.23 11.75
C5 UJA F . 14.32 -4.92 13.76
N6 UJA F . 15.32 -5.24 12.73
C7 UJA F . 17.17 -3.90 12.08
N8 UJA F . 17.93 -3.88 10.94
O9 UJA F . 17.59 -3.68 13.21
C10 UJA F . 19.35 -3.67 11.03
C11 UJA F . 20.02 -4.93 11.37
S12 UJA F . 20.98 -5.69 10.17
C13 UJA F . 21.40 -6.99 11.22
C14 UJA F . 20.82 -6.82 12.46
C15 UJA F . 20.04 -5.65 12.55
C16 UJA F . 15.84 -6.51 12.55
C17 UJA F . 15.33 -7.61 13.43
O18 UJA F . 16.70 -6.78 11.71
C19 UJA F . 14.66 -8.66 12.55
N20 UJA F . 16.51 -8.25 14.11
C21 UJA F . 13.49 -8.12 11.73
C22 UJA F . 17.44 -7.29 14.80
C23 UJA F . 13.09 -9.09 10.61
C24 UJA F . 11.95 -8.54 9.76
C25 UJA F . 10.74 -8.15 10.60
C26 UJA F . 11.14 -7.24 11.74
C27 UJA F . 12.27 -7.83 12.58
C28 UJA F . 18.70 -8.03 15.19
C29 UJA F . 19.67 -7.12 15.93
C30 UJA F . 19.07 -6.50 17.16
C31 UJA F . 17.75 -5.79 16.81
C32 UJA F . 16.79 -6.69 16.04
C33 UJA F . 15.02 -1.25 13.55
N34 UJA F . 15.10 -0.69 14.73
C35 UJA F . 15.29 0.65 14.44
C36 UJA F . 15.30 0.83 13.08
O37 UJA F . 15.14 -0.39 12.51
C38 UJA F . 15.45 1.71 15.28
C39 UJA F . 15.62 2.94 14.66
C40 UJA F . 15.61 3.08 13.29
C41 UJA F . 15.46 2.02 12.43
CL4 UJA F . 15.87 4.31 15.67
C2 UJA G . -1.82 -17.98 -6.56
N1 UJA G . -0.65 -18.86 -6.64
C3 UJA G . -0.44 -19.98 -5.70
C4 UJA G . -3.07 -18.75 -6.20
C5 UJA G . -1.46 -19.93 -4.58
N6 UJA G . -2.81 -19.68 -5.08
C7 UJA G . -3.43 -19.61 -7.39
N8 UJA G . -4.50 -19.15 -8.10
O9 UJA G . -2.83 -20.64 -7.70
C10 UJA G . -4.94 -19.82 -9.30
C11 UJA G . -6.05 -20.73 -8.99
S12 UJA G . -5.78 -22.23 -8.17
C13 UJA G . -7.44 -22.66 -8.20
C14 UJA G . -8.18 -21.68 -8.83
C15 UJA G . -7.39 -20.60 -9.28
C16 UJA G . -3.92 -20.24 -4.49
C17 UJA G . -3.73 -21.04 -3.22
O18 UJA G . -5.04 -20.13 -4.94
C19 UJA G . -4.61 -20.40 -2.15
N20 UJA G . -4.19 -22.45 -3.44
C21 UJA G . -4.23 -18.96 -1.83
C22 UJA G . -3.76 -23.10 -4.72
C23 UJA G . -5.29 -18.23 -0.99
C24 UJA G . -4.93 -16.77 -0.82
C25 UJA G . -3.58 -16.61 -0.13
C26 UJA G . -2.49 -17.39 -0.84
C27 UJA G . -2.86 -18.83 -1.18
C28 UJA G . -4.73 -24.22 -5.07
C29 UJA G . -4.29 -25.04 -6.27
C30 UJA G . -2.91 -25.60 -6.06
C31 UJA G . -1.92 -24.48 -5.75
C32 UJA G . -2.34 -23.65 -4.56
C33 UJA G . 0.24 -18.69 -7.66
N34 UJA G . 1.30 -19.40 -7.95
C35 UJA G . 1.83 -18.80 -9.06
C36 UJA G . 1.05 -17.72 -9.41
O37 UJA G . 0.03 -17.65 -8.52
C38 UJA G . 2.94 -19.13 -9.79
C39 UJA G . 3.20 -18.32 -10.87
C40 UJA G . 2.42 -17.23 -11.18
C41 UJA G . 1.29 -16.89 -10.48
CL4 UJA G . 4.59 -18.76 -11.81
#